data_3LDZ
#
_entry.id   3LDZ
#
_cell.length_a   66.610
_cell.length_b   112.130
_cell.length_c   68.660
_cell.angle_alpha   90.000
_cell.angle_beta   99.430
_cell.angle_gamma   90.000
#
_symmetry.space_group_name_H-M   'P 1 21 1'
#
loop_
_entity.id
_entity.type
_entity.pdbx_description
1 polymer Ubiquitin
2 polymer 'Signal transducing adapter molecule 1'
#
loop_
_entity_poly.entity_id
_entity_poly.type
_entity_poly.pdbx_seq_one_letter_code
_entity_poly.pdbx_strand_id
1 'polypeptide(L)' MQIFVKTLTGKTITLEVEPSDTIENVKAKIQDKEGIPPDQQRLIFAGKQLEDGRTLSDYNIQKESTLHLVLRL F,E,G
2 'polypeptide(L)'
;FATNPFDQDVEKATSEMNTAEDWGLILDICDKVGQSRTGPKDCLRSIMRRVNHKDPHVAMQALTLLGACVSNCGKIFHLE
VCSRDFASEVSNVLNKGHPKVCEKLKALMVEWTDEFKNDPQLSLISAMIKNLKEQGVTFP
;
A,D,B,C
#
# COMPACT_ATOMS: atom_id res chain seq x y z
N MET A 1 44.41 -10.44 6.78
CA MET A 1 43.25 -9.84 6.11
C MET A 1 42.48 -8.86 7.00
N GLN A 2 41.65 -8.00 6.39
CA GLN A 2 40.85 -7.01 7.13
C GLN A 2 39.34 -7.29 7.07
N ILE A 3 38.68 -7.15 8.23
CA ILE A 3 37.24 -7.33 8.41
C ILE A 3 36.64 -6.09 9.07
N PHE A 4 35.32 -5.90 8.93
CA PHE A 4 34.62 -4.75 9.50
C PHE A 4 33.59 -5.17 10.54
N VAL A 5 33.60 -4.50 11.71
CA VAL A 5 32.69 -4.78 12.83
C VAL A 5 31.77 -3.58 13.08
N LYS A 6 30.49 -3.71 12.65
CA LYS A 6 29.48 -2.68 12.83
C LYS A 6 28.82 -2.79 14.19
N THR A 7 28.58 -1.65 14.83
CA THR A 7 27.93 -1.55 16.14
C THR A 7 26.55 -0.90 15.98
N LEU A 8 25.78 -0.86 17.08
CA LEU A 8 24.45 -0.24 17.14
C LEU A 8 24.49 1.28 16.87
N THR A 9 25.66 1.93 17.10
CA THR A 9 25.91 3.35 16.91
C THR A 9 26.21 3.71 15.45
N GLY A 10 26.46 2.68 14.62
CA GLY A 10 26.78 2.83 13.20
C GLY A 10 28.27 2.99 12.95
N LYS A 11 29.09 3.01 14.02
CA LYS A 11 30.54 3.16 13.97
C LYS A 11 31.18 1.82 13.58
N THR A 12 32.02 1.81 12.52
CA THR A 12 32.65 0.65 11.92
C THR A 12 34.11 0.47 12.38
N ILE A 13 34.34 -0.54 13.26
CA ILE A 13 35.66 -0.91 13.78
C ILE A 13 36.35 -1.81 12.73
N THR A 14 37.54 -1.41 12.26
CA THR A 14 38.29 -2.20 11.28
C THR A 14 39.39 -2.97 12.01
N LEU A 15 39.44 -4.30 11.81
CA LEU A 15 40.40 -5.20 12.45
C LEU A 15 41.27 -5.94 11.44
N GLU A 16 42.52 -6.25 11.83
CA GLU A 16 43.46 -7.05 11.04
C GLU A 16 43.50 -8.45 11.67
N VAL A 17 43.02 -9.44 10.92
CA VAL A 17 42.88 -10.84 11.36
C VAL A 17 43.36 -11.85 10.31
N GLU A 18 43.27 -13.14 10.67
CA GLU A 18 43.60 -14.26 9.80
C GLU A 18 42.59 -15.40 10.01
N PRO A 19 42.17 -16.13 8.94
CA PRO A 19 41.19 -17.23 9.11
C PRO A 19 41.40 -18.23 10.26
N SER A 20 42.64 -18.36 10.74
CA SER A 20 43.03 -19.24 11.85
C SER A 20 42.56 -18.71 13.21
N ASP A 21 42.31 -17.38 13.33
CA ASP A 21 41.88 -16.72 14.56
C ASP A 21 40.51 -17.17 15.05
N THR A 22 40.40 -17.43 16.37
CA THR A 22 39.16 -17.85 17.02
C THR A 22 38.27 -16.64 17.33
N ILE A 23 37.01 -16.88 17.74
CA ILE A 23 36.07 -15.83 18.11
C ILE A 23 36.53 -15.13 19.40
N GLU A 24 37.16 -15.88 20.33
CA GLU A 24 37.74 -15.41 21.59
C GLU A 24 38.83 -14.37 21.29
N ASN A 25 39.67 -14.62 20.24
CA ASN A 25 40.77 -13.77 19.79
C ASN A 25 40.26 -12.45 19.24
N VAL A 26 39.23 -12.50 18.37
CA VAL A 26 38.60 -11.33 17.73
C VAL A 26 37.98 -10.41 18.80
N LYS A 27 37.32 -11.00 19.82
CA LYS A 27 36.72 -10.30 20.97
C LYS A 27 37.81 -9.58 21.76
N ALA A 28 38.99 -10.25 21.92
CA ALA A 28 40.16 -9.72 22.62
C ALA A 28 40.76 -8.56 21.83
N LYS A 29 40.74 -8.63 20.48
CA LYS A 29 41.23 -7.56 19.60
C LYS A 29 40.33 -6.34 19.74
N ILE A 30 38.99 -6.56 19.83
CA ILE A 30 38.00 -5.50 20.02
C ILE A 30 38.23 -4.81 21.39
N GLN A 31 38.61 -5.58 22.43
CA GLN A 31 38.93 -5.05 23.76
C GLN A 31 40.17 -4.15 23.70
N ASP A 32 41.14 -4.48 22.83
CA ASP A 32 42.37 -3.70 22.67
C ASP A 32 42.09 -2.35 22.00
N LYS A 33 41.37 -2.36 20.87
CA LYS A 33 41.03 -1.17 20.09
C LYS A 33 39.93 -0.29 20.71
N GLU A 34 38.96 -0.91 21.43
CA GLU A 34 37.81 -0.19 21.96
C GLU A 34 37.59 -0.18 23.48
N GLY A 35 38.22 -1.11 24.19
CA GLY A 35 38.10 -1.21 25.65
C GLY A 35 36.97 -2.10 26.12
N ILE A 36 36.12 -2.56 25.17
CA ILE A 36 34.95 -3.42 25.43
C ILE A 36 35.34 -4.80 26.02
N PRO A 37 34.86 -5.14 27.25
CA PRO A 37 35.16 -6.47 27.82
C PRO A 37 34.54 -7.60 26.97
N PRO A 38 35.29 -8.73 26.75
CA PRO A 38 34.74 -9.83 25.92
C PRO A 38 33.46 -10.46 26.44
N ASP A 39 33.30 -10.58 27.78
CA ASP A 39 32.10 -11.15 28.41
C ASP A 39 30.80 -10.35 28.13
N GLN A 40 30.95 -9.17 27.56
CA GLN A 40 29.85 -8.29 27.18
C GLN A 40 29.58 -8.30 25.66
N GLN A 41 30.48 -8.93 24.87
CA GLN A 41 30.40 -8.97 23.40
C GLN A 41 29.71 -10.21 22.82
N ARG A 42 28.90 -9.97 21.77
CA ARG A 42 28.25 -11.01 20.98
C ARG A 42 28.45 -10.63 19.54
N LEU A 43 29.05 -11.54 18.76
CA LEU A 43 29.35 -11.33 17.35
C LEU A 43 28.45 -12.15 16.45
N ILE A 44 28.00 -11.54 15.33
CA ILE A 44 27.07 -12.13 14.37
C ILE A 44 27.64 -12.03 12.97
N PHE A 45 27.47 -13.09 12.18
CA PHE A 45 27.83 -13.12 10.78
C PHE A 45 26.66 -13.71 10.01
N ALA A 46 26.00 -12.87 9.18
CA ALA A 46 24.85 -13.23 8.34
C ALA A 46 23.74 -13.93 9.16
N GLY A 47 23.40 -13.32 10.30
CA GLY A 47 22.38 -13.79 11.22
C GLY A 47 22.83 -14.76 12.30
N LYS A 48 23.95 -15.46 12.07
CA LYS A 48 24.48 -16.46 13.00
C LYS A 48 25.42 -15.89 14.05
N GLN A 49 25.08 -16.11 15.34
CA GLN A 49 25.91 -15.74 16.48
C GLN A 49 27.14 -16.67 16.48
N LEU A 50 28.34 -16.10 16.66
CA LEU A 50 29.59 -16.87 16.64
C LEU A 50 30.04 -17.29 18.06
N GLU A 51 30.50 -18.56 18.21
CA GLU A 51 30.93 -19.14 19.49
C GLU A 51 32.44 -19.08 19.66
N ASP A 52 32.89 -18.73 20.88
CA ASP A 52 34.28 -18.54 21.31
C ASP A 52 35.30 -19.56 20.77
N GLY A 53 34.94 -20.85 20.83
CA GLY A 53 35.78 -21.96 20.39
C GLY A 53 36.11 -22.02 18.91
N ARG A 54 35.10 -21.80 18.04
CA ARG A 54 35.25 -21.86 16.59
C ARG A 54 36.14 -20.75 16.01
N THR A 55 36.68 -20.94 14.78
CA THR A 55 37.55 -19.97 14.11
C THR A 55 36.78 -19.13 13.06
N LEU A 56 37.47 -18.16 12.40
CA LEU A 56 36.87 -17.33 11.35
C LEU A 56 36.60 -18.14 10.10
N SER A 57 37.46 -19.13 9.81
CA SER A 57 37.34 -20.01 8.65
C SER A 57 36.10 -20.93 8.75
N ASP A 58 35.76 -21.41 9.98
CA ASP A 58 34.61 -22.29 10.30
C ASP A 58 33.29 -21.66 9.85
N TYR A 59 33.20 -20.32 9.92
CA TYR A 59 32.03 -19.54 9.54
C TYR A 59 32.10 -18.91 8.14
N ASN A 60 33.15 -19.24 7.34
CA ASN A 60 33.39 -18.75 5.98
C ASN A 60 33.53 -17.22 5.89
N ILE A 61 34.19 -16.62 6.90
CA ILE A 61 34.46 -15.18 6.96
C ILE A 61 35.71 -14.90 6.10
N GLN A 62 35.48 -14.26 4.94
CA GLN A 62 36.48 -13.89 3.93
C GLN A 62 36.99 -12.45 4.19
N LYS A 63 37.87 -11.95 3.29
CA LYS A 63 38.41 -10.59 3.36
C LYS A 63 37.32 -9.57 3.06
N GLU A 64 37.25 -8.49 3.88
CA GLU A 64 36.28 -7.38 3.80
C GLU A 64 34.85 -7.73 4.27
N SER A 65 34.69 -8.87 4.99
CA SER A 65 33.41 -9.34 5.53
C SER A 65 32.94 -8.47 6.70
N THR A 66 31.62 -8.19 6.74
CA THR A 66 31.02 -7.40 7.81
C THR A 66 30.43 -8.32 8.91
N LEU A 67 30.73 -7.98 10.16
CA LEU A 67 30.31 -8.64 11.39
C LEU A 67 29.53 -7.64 12.24
N HIS A 68 28.53 -8.12 12.96
CA HIS A 68 27.77 -7.21 13.80
C HIS A 68 28.07 -7.43 15.26
N LEU A 69 28.37 -6.35 15.99
CA LEU A 69 28.67 -6.42 17.40
C LEU A 69 27.43 -6.00 18.20
N VAL A 70 27.05 -6.87 19.15
CA VAL A 70 25.92 -6.69 20.03
C VAL A 70 26.48 -6.72 21.46
N LEU A 71 26.23 -5.66 22.22
CA LEU A 71 26.71 -5.56 23.59
C LEU A 71 25.58 -5.66 24.58
N ARG A 72 25.71 -6.61 25.54
CA ARG A 72 24.74 -6.89 26.61
C ARG A 72 25.45 -7.47 27.86
N LEU A 73 24.99 -7.11 29.08
CA LEU A 73 25.52 -7.65 30.33
C LEU A 73 25.00 -9.09 30.61
N PHE B 1 1.98 -30.76 2.67
CA PHE B 1 1.75 -31.21 1.30
C PHE B 1 0.28 -31.05 0.82
N ALA B 2 -0.71 -31.31 1.72
CA ALA B 2 -2.16 -31.25 1.43
C ALA B 2 -2.70 -29.84 1.13
N THR B 3 -3.47 -29.71 0.03
CA THR B 3 -4.09 -28.46 -0.41
C THR B 3 -5.54 -28.40 0.08
N ASN B 4 -5.99 -27.19 0.50
CA ASN B 4 -7.36 -26.99 1.00
C ASN B 4 -8.35 -27.04 -0.17
N PRO B 5 -9.31 -27.98 -0.14
CA PRO B 5 -10.24 -28.08 -1.28
C PRO B 5 -11.14 -26.87 -1.55
N PHE B 6 -11.21 -25.93 -0.60
CA PHE B 6 -12.05 -24.73 -0.68
C PHE B 6 -11.34 -23.52 -1.30
N ASP B 7 -10.00 -23.48 -1.24
CA ASP B 7 -9.15 -22.38 -1.72
C ASP B 7 -9.50 -21.79 -3.10
N GLN B 8 -9.69 -22.66 -4.11
CA GLN B 8 -10.02 -22.26 -5.49
C GLN B 8 -11.37 -21.53 -5.58
N ASP B 9 -12.47 -22.14 -5.05
CA ASP B 9 -13.83 -21.57 -5.05
C ASP B 9 -13.92 -20.29 -4.21
N VAL B 10 -13.24 -20.24 -3.05
CA VAL B 10 -13.18 -19.10 -2.12
C VAL B 10 -12.48 -17.92 -2.82
N GLU B 11 -11.45 -18.20 -3.62
CA GLU B 11 -10.73 -17.17 -4.39
C GLU B 11 -11.61 -16.57 -5.49
N LYS B 12 -12.33 -17.40 -6.25
CA LYS B 12 -13.21 -16.92 -7.33
C LYS B 12 -14.39 -16.12 -6.78
N ALA B 13 -14.96 -16.57 -5.65
CA ALA B 13 -16.09 -15.90 -4.98
C ALA B 13 -15.69 -14.54 -4.44
N THR B 14 -14.41 -14.39 -4.09
CA THR B 14 -13.89 -13.17 -3.49
C THR B 14 -12.77 -12.48 -4.28
N SER B 15 -12.69 -12.72 -5.60
CA SER B 15 -11.70 -12.14 -6.52
C SER B 15 -11.72 -10.59 -6.52
N GLU B 16 -10.55 -9.95 -6.67
CA GLU B 16 -10.43 -8.48 -6.71
C GLU B 16 -11.05 -7.91 -8.00
N MET B 17 -11.12 -8.74 -9.05
CA MET B 17 -11.71 -8.40 -10.35
C MET B 17 -13.24 -8.28 -10.29
N ASN B 18 -13.88 -8.94 -9.31
CA ASN B 18 -15.34 -8.95 -9.13
C ASN B 18 -15.87 -7.57 -8.81
N THR B 19 -17.07 -7.24 -9.30
CA THR B 19 -17.68 -5.93 -8.99
C THR B 19 -18.19 -5.95 -7.51
N ALA B 20 -18.60 -7.16 -7.10
CA ALA B 20 -19.09 -7.54 -5.77
C ALA B 20 -18.84 -9.06 -5.67
N GLU B 21 -19.00 -9.64 -4.45
CA GLU B 21 -18.87 -11.07 -4.18
C GLU B 21 -19.87 -11.87 -5.04
N ASP B 22 -19.41 -12.99 -5.62
CA ASP B 22 -20.23 -13.83 -6.51
C ASP B 22 -21.08 -14.71 -5.66
N TRP B 23 -22.41 -14.51 -5.69
CA TRP B 23 -23.35 -15.31 -4.91
C TRP B 23 -23.54 -16.74 -5.36
N GLY B 24 -23.41 -16.99 -6.66
CA GLY B 24 -23.55 -18.32 -7.21
C GLY B 24 -22.48 -19.23 -6.67
N LEU B 25 -21.27 -18.68 -6.58
CA LEU B 25 -20.11 -19.33 -6.03
C LEU B 25 -20.24 -19.42 -4.51
N ILE B 26 -21.01 -18.51 -3.86
CA ILE B 26 -21.22 -18.56 -2.40
C ILE B 26 -22.07 -19.78 -2.02
N LEU B 27 -23.24 -19.96 -2.66
CA LEU B 27 -24.16 -21.06 -2.40
C LEU B 27 -23.57 -22.43 -2.69
N ASP B 28 -22.67 -22.50 -3.69
CA ASP B 28 -21.97 -23.73 -4.05
C ASP B 28 -20.97 -24.11 -2.94
N ILE B 29 -20.33 -23.08 -2.33
CA ILE B 29 -19.40 -23.24 -1.22
C ILE B 29 -20.18 -23.80 0.00
N CYS B 30 -21.35 -23.21 0.32
CA CYS B 30 -22.22 -23.60 1.43
C CYS B 30 -22.68 -25.05 1.29
N ASP B 31 -23.07 -25.45 0.07
CA ASP B 31 -23.50 -26.82 -0.21
C ASP B 31 -22.35 -27.82 0.00
N LYS B 32 -21.13 -27.44 -0.46
CA LYS B 32 -19.93 -28.27 -0.40
C LYS B 32 -19.49 -28.56 1.04
N VAL B 33 -19.60 -27.56 1.94
CA VAL B 33 -19.30 -27.64 3.37
C VAL B 33 -20.08 -28.80 4.00
N GLY B 34 -21.37 -28.90 3.69
CA GLY B 34 -22.27 -29.90 4.25
C GLY B 34 -22.09 -31.32 3.75
N GLN B 35 -21.20 -31.51 2.76
CA GLN B 35 -20.91 -32.80 2.12
C GLN B 35 -19.82 -33.64 2.79
N SER B 36 -19.02 -33.03 3.68
CA SER B 36 -17.91 -33.72 4.33
C SER B 36 -17.71 -33.31 5.79
N ARG B 37 -17.12 -34.26 6.56
CA ARG B 37 -16.78 -34.14 7.97
C ARG B 37 -15.88 -32.91 8.26
N THR B 38 -14.90 -32.67 7.38
CA THR B 38 -13.88 -31.61 7.50
C THR B 38 -14.26 -30.32 6.77
N GLY B 39 -15.36 -30.35 6.01
CA GLY B 39 -15.91 -29.23 5.23
C GLY B 39 -15.99 -27.92 6.01
N PRO B 40 -16.75 -27.90 7.14
CA PRO B 40 -16.80 -26.68 7.96
C PRO B 40 -15.44 -26.07 8.31
N LYS B 41 -14.50 -26.86 8.86
CA LYS B 41 -13.16 -26.37 9.29
C LYS B 41 -12.27 -25.97 8.11
N ASP B 42 -12.26 -26.78 7.02
CA ASP B 42 -11.49 -26.51 5.81
C ASP B 42 -11.89 -25.16 5.21
N CYS B 43 -13.21 -24.96 5.04
CA CYS B 43 -13.83 -23.76 4.49
C CYS B 43 -13.57 -22.54 5.33
N LEU B 44 -13.78 -22.64 6.66
CA LEU B 44 -13.56 -21.52 7.57
C LEU B 44 -12.10 -21.04 7.51
N ARG B 45 -11.13 -21.98 7.49
CA ARG B 45 -9.70 -21.66 7.40
C ARG B 45 -9.35 -20.92 6.09
N SER B 46 -9.93 -21.37 4.95
CA SER B 46 -9.77 -20.80 3.63
C SER B 46 -10.37 -19.38 3.64
N ILE B 47 -11.59 -19.22 4.16
CA ILE B 47 -12.26 -17.91 4.26
C ILE B 47 -11.39 -16.91 5.02
N MET B 48 -10.93 -17.28 6.21
CA MET B 48 -10.11 -16.40 7.06
C MET B 48 -8.80 -15.91 6.41
N ARG B 49 -8.23 -16.69 5.48
CA ARG B 49 -7.04 -16.29 4.73
C ARG B 49 -7.41 -15.12 3.79
N ARG B 50 -8.63 -15.18 3.16
CA ARG B 50 -9.15 -14.12 2.29
C ARG B 50 -9.57 -12.89 3.10
N VAL B 51 -10.09 -13.08 4.34
CA VAL B 51 -10.47 -11.97 5.23
C VAL B 51 -9.18 -11.18 5.59
N ASN B 52 -8.02 -11.84 5.54
CA ASN B 52 -6.70 -11.29 5.86
C ASN B 52 -5.93 -10.70 4.66
N HIS B 53 -6.56 -10.66 3.46
CA HIS B 53 -5.99 -10.10 2.24
C HIS B 53 -5.74 -8.58 2.40
N LYS B 54 -4.66 -8.08 1.75
CA LYS B 54 -4.24 -6.66 1.75
C LYS B 54 -5.30 -5.70 1.17
N ASP B 55 -5.95 -6.12 0.05
CA ASP B 55 -7.01 -5.39 -0.63
C ASP B 55 -8.32 -5.48 0.20
N PRO B 56 -8.89 -4.34 0.69
CA PRO B 56 -10.14 -4.41 1.48
C PRO B 56 -11.36 -4.87 0.69
N HIS B 57 -11.34 -4.71 -0.66
CA HIS B 57 -12.40 -5.17 -1.55
C HIS B 57 -12.48 -6.73 -1.51
N VAL B 58 -11.31 -7.40 -1.36
CA VAL B 58 -11.24 -8.85 -1.24
C VAL B 58 -11.77 -9.23 0.16
N ALA B 59 -11.25 -8.54 1.22
CA ALA B 59 -11.62 -8.80 2.61
C ALA B 59 -13.12 -8.63 2.88
N MET B 60 -13.76 -7.68 2.18
CA MET B 60 -15.19 -7.41 2.31
C MET B 60 -16.01 -8.52 1.69
N GLN B 61 -15.55 -9.04 0.56
CA GLN B 61 -16.19 -10.14 -0.16
C GLN B 61 -16.16 -11.42 0.69
N ALA B 62 -15.02 -11.66 1.35
CA ALA B 62 -14.72 -12.77 2.26
C ALA B 62 -15.63 -12.78 3.52
N LEU B 63 -15.93 -11.59 4.05
CA LEU B 63 -16.81 -11.43 5.20
C LEU B 63 -18.25 -11.69 4.84
N THR B 64 -18.66 -11.38 3.59
CA THR B 64 -20.05 -11.70 3.19
C THR B 64 -20.16 -13.22 2.99
N LEU B 65 -19.06 -13.88 2.55
CA LEU B 65 -18.99 -15.35 2.42
C LEU B 65 -19.06 -16.00 3.82
N LEU B 66 -18.33 -15.41 4.78
CA LEU B 66 -18.32 -15.84 6.19
C LEU B 66 -19.74 -15.78 6.77
N GLY B 67 -20.42 -14.64 6.60
CA GLY B 67 -21.79 -14.45 7.03
C GLY B 67 -22.76 -15.44 6.42
N ALA B 68 -22.60 -15.73 5.11
CA ALA B 68 -23.46 -16.67 4.38
C ALA B 68 -23.31 -18.10 4.88
N CYS B 69 -22.08 -18.50 5.26
CA CYS B 69 -21.79 -19.80 5.82
C CYS B 69 -22.42 -19.95 7.21
N VAL B 70 -22.38 -18.89 8.03
CA VAL B 70 -23.02 -18.91 9.35
C VAL B 70 -24.53 -18.94 9.17
N SER B 71 -25.06 -18.21 8.19
CA SER B 71 -26.49 -18.22 7.90
C SER B 71 -26.98 -19.57 7.41
N ASN B 72 -26.28 -20.17 6.41
CA ASN B 72 -26.71 -21.39 5.69
C ASN B 72 -26.19 -22.74 6.07
N CYS B 73 -25.06 -22.84 6.78
CA CYS B 73 -24.48 -24.13 7.10
C CYS B 73 -24.88 -24.81 8.44
N GLY B 74 -25.61 -24.10 9.29
CA GLY B 74 -26.05 -24.68 10.55
C GLY B 74 -24.98 -24.84 11.60
N LYS B 75 -25.34 -25.53 12.70
CA LYS B 75 -24.54 -25.73 13.90
C LYS B 75 -23.11 -26.20 13.72
N ILE B 76 -22.89 -27.12 12.76
CA ILE B 76 -21.55 -27.62 12.42
C ILE B 76 -20.57 -26.47 12.09
N PHE B 77 -21.04 -25.43 11.37
CA PHE B 77 -20.23 -24.24 11.02
C PHE B 77 -20.10 -23.29 12.23
N HIS B 78 -21.20 -23.08 12.97
CA HIS B 78 -21.23 -22.26 14.19
C HIS B 78 -20.18 -22.74 15.21
N LEU B 79 -20.00 -24.10 15.34
CA LEU B 79 -19.01 -24.73 16.23
C LEU B 79 -17.59 -24.41 15.80
N GLU B 80 -17.36 -24.29 14.47
CA GLU B 80 -16.04 -23.97 13.92
C GLU B 80 -15.69 -22.53 14.25
N VAL B 81 -16.66 -21.64 14.06
CA VAL B 81 -16.59 -20.23 14.40
C VAL B 81 -16.44 -20.04 15.97
N CYS B 82 -16.98 -20.99 16.78
CA CYS B 82 -16.86 -20.96 18.25
C CYS B 82 -15.60 -21.75 18.69
N SER B 83 -14.41 -21.22 18.32
CA SER B 83 -13.09 -21.80 18.59
C SER B 83 -12.03 -20.74 18.92
N ARG B 84 -10.93 -21.16 19.57
CA ARG B 84 -9.78 -20.29 19.89
C ARG B 84 -9.10 -19.85 18.61
N ASP B 85 -9.02 -20.74 17.62
CA ASP B 85 -8.46 -20.47 16.29
C ASP B 85 -9.15 -19.26 15.63
N PHE B 86 -10.49 -19.17 15.75
CA PHE B 86 -11.26 -18.07 15.19
C PHE B 86 -11.05 -16.80 16.01
N ALA B 87 -11.07 -16.90 17.35
CA ALA B 87 -10.84 -15.76 18.24
C ALA B 87 -9.45 -15.10 17.97
N SER B 88 -8.44 -15.91 17.67
CA SER B 88 -7.09 -15.43 17.35
C SER B 88 -7.10 -14.70 16.00
N GLU B 89 -7.82 -15.28 15.05
CA GLU B 89 -7.98 -14.76 13.71
C GLU B 89 -8.78 -13.45 13.71
N VAL B 90 -9.73 -13.29 14.67
CA VAL B 90 -10.55 -12.09 14.86
C VAL B 90 -9.69 -10.94 15.36
N SER B 91 -8.94 -11.13 16.46
CA SER B 91 -8.04 -10.11 17.01
C SER B 91 -6.90 -9.72 16.04
N ASN B 92 -6.40 -10.67 15.22
CA ASN B 92 -5.37 -10.41 14.21
C ASN B 92 -5.93 -9.49 13.10
N VAL B 93 -7.21 -9.69 12.71
CA VAL B 93 -7.90 -8.89 11.68
C VAL B 93 -8.23 -7.50 12.23
N LEU B 94 -8.74 -7.40 13.48
CA LEU B 94 -9.09 -6.11 14.08
C LEU B 94 -7.90 -5.19 14.30
N ASN B 95 -6.73 -5.76 14.59
CA ASN B 95 -5.51 -5.00 14.84
C ASN B 95 -4.80 -4.50 13.58
N LYS B 96 -4.92 -5.22 12.43
CA LYS B 96 -4.28 -4.82 11.18
C LYS B 96 -5.25 -4.34 10.08
N GLY B 97 -6.50 -4.78 10.17
CA GLY B 97 -7.54 -4.52 9.19
C GLY B 97 -7.98 -3.09 8.97
N HIS B 98 -8.52 -2.87 7.77
CA HIS B 98 -9.09 -1.63 7.29
C HIS B 98 -10.34 -1.31 8.17
N PRO B 99 -10.62 -0.03 8.52
CA PRO B 99 -11.83 0.28 9.33
C PRO B 99 -13.17 -0.29 8.81
N LYS B 100 -13.34 -0.37 7.47
CA LYS B 100 -14.50 -0.89 6.76
C LYS B 100 -14.63 -2.42 7.04
N VAL B 101 -13.49 -3.14 7.05
CA VAL B 101 -13.37 -4.57 7.33
C VAL B 101 -13.70 -4.83 8.81
N CYS B 102 -13.10 -4.04 9.71
CA CYS B 102 -13.33 -4.12 11.16
C CYS B 102 -14.81 -3.91 11.50
N GLU B 103 -15.47 -2.92 10.84
CA GLU B 103 -16.87 -2.58 11.00
C GLU B 103 -17.77 -3.76 10.70
N LYS B 104 -17.56 -4.41 9.50
CA LYS B 104 -18.30 -5.58 9.02
C LYS B 104 -18.12 -6.83 9.92
N LEU B 105 -16.87 -7.18 10.28
CA LEU B 105 -16.58 -8.30 11.16
C LEU B 105 -17.27 -8.12 12.53
N LYS B 106 -17.15 -6.94 13.16
CA LYS B 106 -17.78 -6.68 14.45
C LYS B 106 -19.30 -6.70 14.37
N ALA B 107 -19.88 -6.26 13.22
CA ALA B 107 -21.35 -6.28 12.97
C ALA B 107 -21.84 -7.69 12.95
N LEU B 108 -21.14 -8.58 12.19
CA LEU B 108 -21.41 -10.02 12.10
C LEU B 108 -21.42 -10.67 13.47
N MET B 109 -20.42 -10.35 14.33
CA MET B 109 -20.32 -10.88 15.69
C MET B 109 -21.53 -10.57 16.55
N VAL B 110 -22.06 -9.33 16.48
CA VAL B 110 -23.25 -8.88 17.21
C VAL B 110 -24.49 -9.67 16.76
N GLU B 111 -24.61 -9.91 15.45
CA GLU B 111 -25.69 -10.70 14.83
C GLU B 111 -25.63 -12.15 15.32
N TRP B 112 -24.41 -12.74 15.38
CA TRP B 112 -24.21 -14.11 15.81
C TRP B 112 -24.54 -14.33 17.25
N THR B 113 -24.10 -13.41 18.17
CA THR B 113 -24.44 -13.59 19.59
C THR B 113 -25.93 -13.57 19.79
N ASP B 114 -26.66 -12.72 19.07
CA ASP B 114 -28.11 -12.68 19.15
C ASP B 114 -28.70 -14.01 18.64
N GLU B 115 -28.18 -14.51 17.51
CA GLU B 115 -28.60 -15.77 16.91
C GLU B 115 -28.27 -16.95 17.81
N PHE B 116 -27.10 -16.94 18.48
CA PHE B 116 -26.61 -18.05 19.32
C PHE B 116 -27.04 -17.98 20.81
N LYS B 117 -27.72 -16.87 21.23
CA LYS B 117 -28.13 -16.60 22.63
C LYS B 117 -28.78 -17.74 23.40
N ASN B 118 -29.56 -18.60 22.72
CA ASN B 118 -30.25 -19.74 23.36
C ASN B 118 -29.45 -21.04 23.40
N ASP B 119 -28.20 -21.04 22.87
CA ASP B 119 -27.37 -22.24 22.87
C ASP B 119 -26.12 -22.03 23.71
N PRO B 120 -26.00 -22.75 24.85
CA PRO B 120 -24.81 -22.58 25.72
C PRO B 120 -23.50 -23.11 25.13
N GLN B 121 -23.59 -23.95 24.09
CA GLN B 121 -22.40 -24.50 23.43
C GLN B 121 -21.83 -23.50 22.44
N LEU B 122 -22.60 -22.42 22.14
CA LEU B 122 -22.27 -21.36 21.17
C LEU B 122 -21.99 -19.96 21.77
N SER B 123 -21.59 -19.93 23.05
CA SER B 123 -21.32 -18.71 23.81
C SER B 123 -20.00 -17.99 23.52
N LEU B 124 -19.08 -18.65 22.79
CA LEU B 124 -17.75 -18.08 22.52
C LEU B 124 -17.72 -16.73 21.85
N ILE B 125 -18.64 -16.49 20.90
CA ILE B 125 -18.73 -15.21 20.18
C ILE B 125 -19.04 -14.08 21.17
N SER B 126 -20.00 -14.30 22.10
CA SER B 126 -20.38 -13.32 23.14
C SER B 126 -19.22 -13.07 24.10
N ALA B 127 -18.43 -14.11 24.41
CA ALA B 127 -17.25 -14.05 25.25
C ALA B 127 -16.16 -13.20 24.56
N MET B 128 -15.96 -13.36 23.23
CA MET B 128 -14.99 -12.60 22.43
C MET B 128 -15.38 -11.14 22.43
N ILE B 129 -16.70 -10.86 22.30
CA ILE B 129 -17.22 -9.50 22.31
C ILE B 129 -16.90 -8.81 23.64
N LYS B 130 -17.23 -9.45 24.78
CA LYS B 130 -16.95 -8.96 26.13
C LYS B 130 -15.43 -8.71 26.36
N ASN B 131 -14.59 -9.65 25.90
CA ASN B 131 -13.14 -9.57 26.01
C ASN B 131 -12.57 -8.42 25.18
N LEU B 132 -13.13 -8.18 23.96
CA LEU B 132 -12.68 -7.09 23.09
C LEU B 132 -13.14 -5.72 23.62
N LYS B 133 -14.32 -5.68 24.29
CA LYS B 133 -14.88 -4.47 24.91
C LYS B 133 -14.01 -4.01 26.11
N GLU B 134 -13.37 -4.96 26.82
CA GLU B 134 -12.46 -4.71 27.94
C GLU B 134 -11.18 -4.04 27.44
N GLN B 135 -10.77 -4.34 26.18
CA GLN B 135 -9.60 -3.77 25.50
C GLN B 135 -9.95 -2.44 24.82
N GLY B 136 -11.16 -1.94 25.07
CA GLY B 136 -11.66 -0.67 24.54
C GLY B 136 -12.31 -0.71 23.17
N VAL B 137 -12.50 -1.91 22.58
CA VAL B 137 -13.12 -2.04 21.25
C VAL B 137 -14.63 -1.80 21.39
N THR B 138 -15.20 -0.98 20.48
CA THR B 138 -16.62 -0.64 20.49
C THR B 138 -17.41 -1.51 19.51
N PHE B 139 -18.58 -2.04 19.95
CA PHE B 139 -19.45 -2.90 19.14
C PHE B 139 -20.83 -2.28 18.87
N PRO B 140 -20.95 -1.39 17.86
CA PRO B 140 -22.27 -0.79 17.56
C PRO B 140 -23.29 -1.82 17.04
N PHE C 1 -0.89 30.36 -2.23
CA PHE C 1 -1.23 29.04 -1.66
C PHE C 1 -2.73 28.84 -1.42
N ALA C 2 -3.52 29.18 -2.46
CA ALA C 2 -4.98 29.12 -2.49
C ALA C 2 -5.59 27.75 -2.21
N THR C 3 -6.56 27.72 -1.28
CA THR C 3 -7.31 26.52 -0.90
C THR C 3 -8.61 26.49 -1.74
N ASN C 4 -8.93 25.32 -2.33
CA ASN C 4 -10.12 25.15 -3.15
C ASN C 4 -11.39 25.33 -2.27
N PRO C 5 -12.31 26.28 -2.59
CA PRO C 5 -13.50 26.49 -1.74
C PRO C 5 -14.49 25.34 -1.66
N PHE C 6 -14.34 24.34 -2.56
CA PHE C 6 -15.22 23.18 -2.64
C PHE C 6 -14.76 21.99 -1.83
N ASP C 7 -13.45 21.92 -1.51
CA ASP C 7 -12.81 20.82 -0.77
C ASP C 7 -13.57 20.31 0.45
N GLN C 8 -14.00 21.22 1.35
CA GLN C 8 -14.73 20.88 2.58
C GLN C 8 -16.08 20.19 2.31
N ASP C 9 -16.97 20.83 1.50
CA ASP C 9 -18.28 20.30 1.12
C ASP C 9 -18.16 19.05 0.28
N VAL C 10 -17.17 18.99 -0.61
CA VAL C 10 -16.91 17.84 -1.47
C VAL C 10 -16.53 16.64 -0.63
N GLU C 11 -15.68 16.85 0.42
CA GLU C 11 -15.23 15.82 1.35
C GLU C 11 -16.42 15.23 2.11
N LYS C 12 -17.28 16.09 2.69
CA LYS C 12 -18.44 15.66 3.46
C LYS C 12 -19.39 14.79 2.64
N ALA C 13 -19.67 15.15 1.38
CA ALA C 13 -20.53 14.38 0.49
C ALA C 13 -19.81 13.15 -0.13
N THR C 14 -18.55 12.96 0.23
CA THR C 14 -17.74 11.84 -0.26
C THR C 14 -16.92 11.21 0.89
N SER C 15 -17.35 11.41 2.16
CA SER C 15 -16.66 10.88 3.34
C SER C 15 -16.80 9.36 3.44
N GLU C 16 -15.74 8.67 3.89
CA GLU C 16 -15.74 7.21 4.07
C GLU C 16 -16.67 6.76 5.18
N MET C 17 -16.92 7.65 6.15
CA MET C 17 -17.81 7.45 7.30
C MET C 17 -19.28 7.37 6.88
N ASN C 18 -19.65 8.05 5.77
CA ASN C 18 -21.02 8.11 5.24
C ASN C 18 -21.60 6.75 4.89
N THR C 19 -22.87 6.55 5.22
CA THR C 19 -23.64 5.33 4.91
C THR C 19 -24.66 5.71 3.81
N ALA C 20 -25.44 6.78 4.08
CA ALA C 20 -26.47 7.32 3.21
C ALA C 20 -25.98 8.54 2.41
N GLU C 21 -26.61 8.76 1.23
CA GLU C 21 -26.36 9.87 0.31
C GLU C 21 -27.15 11.07 0.79
N ASP C 22 -26.47 12.18 1.14
CA ASP C 22 -27.15 13.38 1.60
C ASP C 22 -27.37 14.31 0.40
N TRP C 23 -28.55 14.20 -0.21
CA TRP C 23 -28.98 14.95 -1.39
C TRP C 23 -29.11 16.43 -1.16
N GLY C 24 -29.38 16.83 0.08
CA GLY C 24 -29.42 18.24 0.51
C GLY C 24 -28.07 18.93 0.33
N LEU C 25 -26.95 18.23 0.70
CA LEU C 25 -25.59 18.75 0.51
C LEU C 25 -25.21 18.70 -0.97
N ILE C 26 -25.56 17.61 -1.70
CA ILE C 26 -25.25 17.53 -3.13
C ILE C 26 -25.85 18.74 -3.89
N LEU C 27 -27.15 19.04 -3.65
CA LEU C 27 -27.84 20.19 -4.24
C LEU C 27 -27.26 21.52 -3.82
N ASP C 28 -26.71 21.60 -2.59
CA ASP C 28 -26.07 22.81 -2.07
C ASP C 28 -24.73 23.02 -2.78
N ILE C 29 -24.03 21.92 -3.16
CA ILE C 29 -22.77 21.98 -3.92
C ILE C 29 -23.08 22.52 -5.33
N CYS C 30 -24.14 21.97 -5.98
CA CYS C 30 -24.60 22.36 -7.31
C CYS C 30 -25.00 23.82 -7.37
N ASP C 31 -25.70 24.30 -6.33
CA ASP C 31 -26.12 25.70 -6.21
C ASP C 31 -24.93 26.62 -6.07
N LYS C 32 -23.92 26.20 -5.29
CA LYS C 32 -22.67 26.93 -5.02
C LYS C 32 -21.85 27.14 -6.30
N VAL C 33 -21.84 26.14 -7.20
CA VAL C 33 -21.19 26.21 -8.51
C VAL C 33 -21.75 27.41 -9.34
N GLY C 34 -23.06 27.61 -9.34
CA GLY C 34 -23.71 28.67 -10.09
C GLY C 34 -23.52 30.07 -9.54
N GLN C 35 -22.88 30.18 -8.35
CA GLN C 35 -22.65 31.45 -7.65
C GLN C 35 -21.36 32.15 -7.99
N SER C 36 -20.40 31.44 -8.63
CA SER C 36 -19.12 32.02 -9.02
C SER C 36 -18.61 31.54 -10.38
N ARG C 37 -17.84 32.43 -11.04
CA ARG C 37 -17.21 32.24 -12.34
C ARG C 37 -16.31 30.98 -12.37
N THR C 38 -15.56 30.75 -11.29
CA THR C 38 -14.57 29.67 -11.14
C THR C 38 -15.14 28.40 -10.53
N GLY C 39 -16.41 28.50 -10.09
CA GLY C 39 -17.19 27.43 -9.50
C GLY C 39 -17.06 26.11 -10.23
N PRO C 40 -17.49 26.02 -11.51
CA PRO C 40 -17.40 24.73 -12.23
C PRO C 40 -16.02 24.09 -12.27
N LYS C 41 -14.95 24.87 -12.58
CA LYS C 41 -13.57 24.35 -12.62
C LYS C 41 -13.07 23.95 -11.25
N ASP C 42 -13.31 24.80 -10.21
CA ASP C 42 -12.92 24.52 -8.82
C ASP C 42 -13.56 23.23 -8.33
N CYS C 43 -14.89 23.12 -8.49
CA CYS C 43 -15.69 21.96 -8.10
C CYS C 43 -15.29 20.69 -8.83
N LEU C 44 -15.12 20.72 -10.17
CA LEU C 44 -14.71 19.54 -10.93
C LEU C 44 -13.34 19.05 -10.45
N ARG C 45 -12.38 19.97 -10.22
CA ARG C 45 -11.03 19.61 -9.74
C ARG C 45 -11.08 18.94 -8.37
N SER C 46 -11.93 19.48 -7.48
CA SER C 46 -12.21 19.00 -6.12
C SER C 46 -12.81 17.60 -6.16
N ILE C 47 -13.78 17.37 -7.10
CA ILE C 47 -14.44 16.07 -7.34
C ILE C 47 -13.44 15.05 -7.84
N MET C 48 -12.73 15.34 -8.94
CA MET C 48 -11.76 14.41 -9.53
C MET C 48 -10.65 13.89 -8.60
N ARG C 49 -10.29 14.68 -7.57
CA ARG C 49 -9.29 14.26 -6.59
C ARG C 49 -9.89 13.12 -5.73
N ARG C 50 -11.19 13.25 -5.40
CA ARG C 50 -11.97 12.29 -4.62
C ARG C 50 -12.33 11.08 -5.47
N VAL C 51 -12.43 11.25 -6.79
CA VAL C 51 -12.70 10.15 -7.72
C VAL C 51 -11.48 9.25 -7.73
N ASN C 52 -10.30 9.85 -7.56
CA ASN C 52 -9.00 9.20 -7.55
C ASN C 52 -8.60 8.58 -6.19
N HIS C 53 -9.48 8.69 -5.17
CA HIS C 53 -9.25 8.15 -3.83
C HIS C 53 -9.11 6.62 -3.88
N LYS C 54 -8.25 6.07 -3.00
CA LYS C 54 -7.99 4.63 -2.88
C LYS C 54 -9.23 3.81 -2.48
N ASP C 55 -10.05 4.37 -1.56
CA ASP C 55 -11.30 3.76 -1.09
C ASP C 55 -12.41 3.94 -2.15
N PRO C 56 -12.93 2.81 -2.72
CA PRO C 56 -13.98 2.92 -3.75
C PRO C 56 -15.30 3.49 -3.25
N HIS C 57 -15.55 3.41 -1.94
CA HIS C 57 -16.76 3.95 -1.31
C HIS C 57 -16.78 5.48 -1.42
N VAL C 58 -15.58 6.11 -1.35
CA VAL C 58 -15.35 7.55 -1.45
C VAL C 58 -15.45 7.94 -2.96
N ALA C 59 -14.85 7.11 -3.83
CA ALA C 59 -14.82 7.27 -5.29
C ALA C 59 -16.21 7.21 -5.89
N MET C 60 -17.04 6.29 -5.39
CA MET C 60 -18.41 6.06 -5.86
C MET C 60 -19.26 7.25 -5.49
N GLN C 61 -19.14 7.73 -4.23
CA GLN C 61 -19.85 8.90 -3.74
C GLN C 61 -19.52 10.13 -4.60
N ALA C 62 -18.22 10.26 -5.02
CA ALA C 62 -17.69 11.35 -5.85
C ALA C 62 -18.30 11.31 -7.27
N LEU C 63 -18.50 10.10 -7.84
CA LEU C 63 -19.12 9.90 -9.15
C LEU C 63 -20.62 10.20 -9.13
N THR C 64 -21.28 9.94 -8.00
CA THR C 64 -22.70 10.25 -7.90
C THR C 64 -22.84 11.80 -7.86
N LEU C 65 -21.83 12.47 -7.25
CA LEU C 65 -21.68 13.93 -7.19
C LEU C 65 -21.29 14.53 -8.58
N LEU C 66 -20.38 13.86 -9.32
CA LEU C 66 -19.98 14.27 -10.68
C LEU C 66 -21.22 14.25 -11.61
N GLY C 67 -21.98 13.17 -11.58
CA GLY C 67 -23.21 13.01 -12.35
C GLY C 67 -24.25 14.06 -12.02
N ALA C 68 -24.43 14.37 -10.71
CA ALA C 68 -25.38 15.38 -10.24
C ALA C 68 -25.04 16.77 -10.72
N CYS C 69 -23.73 17.10 -10.76
CA CYS C 69 -23.19 18.37 -11.24
C CYS C 69 -23.45 18.52 -12.75
N VAL C 70 -23.25 17.44 -13.55
CA VAL C 70 -23.53 17.44 -14.99
C VAL C 70 -25.07 17.59 -15.20
N SER C 71 -25.86 16.96 -14.34
CA SER C 71 -27.32 17.00 -14.37
C SER C 71 -27.87 18.35 -14.01
N ASN C 72 -27.28 19.06 -13.04
CA ASN C 72 -27.86 20.29 -12.51
C ASN C 72 -27.12 21.59 -12.72
N CYS C 73 -25.85 21.54 -13.10
CA CYS C 73 -25.02 22.74 -13.22
C CYS C 73 -24.95 23.42 -14.60
N GLY C 74 -25.63 22.86 -15.61
CA GLY C 74 -25.70 23.45 -16.95
C GLY C 74 -24.46 23.37 -17.81
N LYS C 75 -24.51 24.06 -18.97
CA LYS C 75 -23.43 24.08 -19.97
C LYS C 75 -22.05 24.50 -19.46
N ILE C 76 -22.03 25.44 -18.51
CA ILE C 76 -20.79 25.93 -17.88
C ILE C 76 -19.98 24.77 -17.26
N PHE C 77 -20.66 23.83 -16.60
CA PHE C 77 -20.02 22.63 -16.05
C PHE C 77 -19.64 21.60 -17.19
N HIS C 78 -20.47 21.48 -18.28
CA HIS C 78 -20.19 20.53 -19.40
C HIS C 78 -18.94 20.95 -20.14
N LEU C 79 -18.70 22.27 -20.24
CA LEU C 79 -17.49 22.82 -20.85
C LEU C 79 -16.23 22.42 -20.07
N GLU C 80 -16.31 22.34 -18.74
CA GLU C 80 -15.17 21.95 -17.89
C GLU C 80 -14.87 20.50 -18.03
N VAL C 81 -15.93 19.72 -18.24
CA VAL C 81 -15.82 18.29 -18.42
C VAL C 81 -15.35 18.01 -19.86
N CYS C 82 -15.62 18.95 -20.80
CA CYS C 82 -15.13 18.85 -22.18
C CYS C 82 -13.74 19.56 -22.31
N SER C 83 -12.73 19.02 -21.62
CA SER C 83 -11.35 19.54 -21.57
C SER C 83 -10.32 18.41 -21.58
N ARG C 84 -9.06 18.72 -22.00
CA ARG C 84 -7.90 17.82 -22.00
C ARG C 84 -7.64 17.35 -20.55
N ASP C 85 -7.75 18.28 -19.57
CA ASP C 85 -7.59 18.01 -18.14
C ASP C 85 -8.49 16.89 -17.66
N PHE C 86 -9.76 16.87 -18.09
CA PHE C 86 -10.74 15.83 -17.74
C PHE C 86 -10.41 14.52 -18.46
N ALA C 87 -10.09 14.58 -19.78
CA ALA C 87 -9.74 13.38 -20.54
C ALA C 87 -8.55 12.62 -19.94
N SER C 88 -7.54 13.35 -19.42
CA SER C 88 -6.37 12.74 -18.83
C SER C 88 -6.76 12.13 -17.50
N GLU C 89 -7.62 12.83 -16.74
CA GLU C 89 -8.13 12.37 -15.45
C GLU C 89 -8.99 11.11 -15.61
N VAL C 90 -9.71 10.98 -16.75
CA VAL C 90 -10.53 9.81 -17.11
C VAL C 90 -9.67 8.59 -17.33
N SER C 91 -8.66 8.68 -18.25
CA SER C 91 -7.73 7.57 -18.54
C SER C 91 -6.88 7.16 -17.30
N ASN C 92 -6.52 8.11 -16.43
CA ASN C 92 -5.79 7.83 -15.19
C ASN C 92 -6.65 7.00 -14.22
N VAL C 93 -7.97 7.32 -14.13
CA VAL C 93 -8.92 6.61 -13.28
C VAL C 93 -9.24 5.21 -13.84
N LEU C 94 -9.45 5.10 -15.16
CA LEU C 94 -9.75 3.80 -15.78
C LEU C 94 -8.62 2.78 -15.68
N ASN C 95 -7.36 3.26 -15.72
CA ASN C 95 -6.18 2.42 -15.62
C ASN C 95 -5.85 1.93 -14.21
N LYS C 96 -6.20 2.70 -13.16
CA LYS C 96 -5.91 2.34 -11.76
C LYS C 96 -7.14 2.00 -10.89
N GLY C 97 -8.30 2.45 -11.33
CA GLY C 97 -9.56 2.33 -10.61
C GLY C 97 -10.15 0.95 -10.40
N HIS C 98 -10.99 0.89 -9.37
CA HIS C 98 -11.76 -0.27 -8.94
C HIS C 98 -12.79 -0.60 -10.04
N PRO C 99 -13.11 -1.89 -10.30
CA PRO C 99 -14.07 -2.23 -11.40
C PRO C 99 -15.42 -1.52 -11.35
N LYS C 100 -15.96 -1.37 -10.11
CA LYS C 100 -17.23 -0.70 -9.81
C LYS C 100 -17.17 0.83 -10.09
N VAL C 101 -15.96 1.45 -9.92
CA VAL C 101 -15.68 2.86 -10.20
C VAL C 101 -15.59 3.04 -11.73
N CYS C 102 -14.85 2.16 -12.43
CA CYS C 102 -14.71 2.15 -13.89
C CYS C 102 -16.06 1.99 -14.58
N GLU C 103 -16.92 1.09 -14.06
CA GLU C 103 -18.27 0.79 -14.56
C GLU C 103 -19.13 2.07 -14.56
N LYS C 104 -19.17 2.78 -13.38
CA LYS C 104 -19.93 4.02 -13.14
C LYS C 104 -19.45 5.16 -14.04
N LEU C 105 -18.13 5.43 -14.08
CA LEU C 105 -17.52 6.46 -14.91
C LEU C 105 -17.86 6.25 -16.40
N LYS C 106 -17.68 5.03 -16.92
CA LYS C 106 -17.97 4.72 -18.32
C LYS C 106 -19.47 4.86 -18.65
N ALA C 107 -20.34 4.52 -17.68
CA ALA C 107 -21.82 4.63 -17.81
C ALA C 107 -22.18 6.09 -17.99
N LEU C 108 -21.65 6.97 -17.10
CA LEU C 108 -21.82 8.42 -17.12
C LEU C 108 -21.41 8.99 -18.46
N MET C 109 -20.27 8.56 -19.01
CA MET C 109 -19.79 9.03 -20.32
C MET C 109 -20.76 8.77 -21.46
N VAL C 110 -21.37 7.57 -21.50
CA VAL C 110 -22.34 7.17 -22.53
C VAL C 110 -23.60 8.07 -22.44
N GLU C 111 -24.05 8.37 -21.20
CA GLU C 111 -25.17 9.24 -20.89
C GLU C 111 -24.90 10.67 -21.41
N TRP C 112 -23.67 11.17 -21.16
CA TRP C 112 -23.25 12.50 -21.55
C TRP C 112 -23.19 12.68 -23.04
N THR C 113 -22.59 11.70 -23.80
CA THR C 113 -22.52 11.81 -25.26
C THR C 113 -23.94 11.96 -25.82
N ASP C 114 -24.90 11.17 -25.30
CA ASP C 114 -26.29 11.22 -25.74
C ASP C 114 -26.93 12.58 -25.43
N GLU C 115 -26.72 13.10 -24.22
CA GLU C 115 -27.20 14.39 -23.76
C GLU C 115 -26.54 15.56 -24.59
N PHE C 116 -25.22 15.48 -24.86
CA PHE C 116 -24.44 16.51 -25.56
C PHE C 116 -24.47 16.45 -27.09
N LYS C 117 -25.11 15.40 -27.66
CA LYS C 117 -25.14 15.11 -29.11
C LYS C 117 -25.53 16.25 -30.05
N ASN C 118 -26.45 17.14 -29.62
CA ASN C 118 -26.92 18.26 -30.43
C ASN C 118 -26.11 19.56 -30.24
N ASP C 119 -25.03 19.49 -29.44
CA ASP C 119 -24.13 20.63 -29.21
C ASP C 119 -22.70 20.32 -29.74
N PRO C 120 -22.27 20.97 -30.85
CA PRO C 120 -20.93 20.70 -31.41
C PRO C 120 -19.75 21.15 -30.52
N GLN C 121 -20.04 22.06 -29.55
CA GLN C 121 -19.02 22.53 -28.61
C GLN C 121 -18.74 21.51 -27.51
N LEU C 122 -19.57 20.44 -27.42
CA LEU C 122 -19.51 19.42 -26.38
C LEU C 122 -19.23 18.01 -26.86
N SER C 123 -18.54 17.92 -28.01
CA SER C 123 -18.17 16.66 -28.67
C SER C 123 -17.02 15.88 -28.04
N LEU C 124 -16.28 16.50 -27.09
CA LEU C 124 -15.11 15.87 -26.50
C LEU C 124 -15.34 14.54 -25.80
N ILE C 125 -16.46 14.38 -25.09
CA ILE C 125 -16.80 13.14 -24.40
C ILE C 125 -16.94 12.00 -25.41
N SER C 126 -17.63 12.25 -26.55
CA SER C 126 -17.81 11.26 -27.63
C SER C 126 -16.48 10.88 -28.24
N ALA C 127 -15.57 11.86 -28.37
CA ALA C 127 -14.20 11.66 -28.90
C ALA C 127 -13.39 10.79 -27.92
N MET C 128 -13.50 11.07 -26.60
CA MET C 128 -12.86 10.29 -25.53
C MET C 128 -13.34 8.83 -25.61
N ILE C 129 -14.67 8.60 -25.80
CA ILE C 129 -15.27 7.27 -25.92
C ILE C 129 -14.68 6.50 -27.11
N LYS C 130 -14.69 7.11 -28.30
CA LYS C 130 -14.13 6.55 -29.53
C LYS C 130 -12.64 6.20 -29.39
N ASN C 131 -11.87 7.10 -28.77
CA ASN C 131 -10.44 6.90 -28.53
C ASN C 131 -10.17 5.74 -27.55
N LEU C 132 -11.00 5.61 -26.49
CA LEU C 132 -10.88 4.52 -25.51
C LEU C 132 -11.28 3.17 -26.12
N LYS C 133 -12.28 3.17 -27.04
CA LYS C 133 -12.75 1.99 -27.75
C LYS C 133 -11.68 1.41 -28.70
N GLU C 134 -10.83 2.30 -29.25
CA GLU C 134 -9.71 1.94 -30.13
C GLU C 134 -8.62 1.21 -29.33
N GLN C 135 -8.49 1.53 -28.03
CA GLN C 135 -7.56 0.92 -27.07
C GLN C 135 -8.15 -0.37 -26.47
N GLY C 136 -9.31 -0.78 -26.98
CA GLY C 136 -10.01 -2.00 -26.56
C GLY C 136 -10.95 -1.87 -25.38
N VAL C 137 -11.18 -0.64 -24.87
CA VAL C 137 -12.09 -0.42 -23.74
C VAL C 137 -13.55 -0.60 -24.22
N THR C 138 -14.35 -1.35 -23.43
CA THR C 138 -15.75 -1.64 -23.73
C THR C 138 -16.70 -0.71 -23.03
N PHE C 139 -17.69 -0.24 -23.79
CA PHE C 139 -18.70 0.69 -23.31
C PHE C 139 -20.11 0.12 -23.34
N PRO C 140 -20.53 -0.57 -22.25
CA PRO C 140 -21.92 -1.07 -22.20
C PRO C 140 -22.93 0.09 -22.10
N PHE D 1 -5.95 13.27 -25.37
CA PHE D 1 -5.54 12.33 -26.41
C PHE D 1 -4.05 11.92 -26.33
N ALA D 2 -3.14 12.92 -26.23
CA ALA D 2 -1.68 12.78 -26.18
C ALA D 2 -1.13 12.03 -24.95
N THR D 3 -0.17 11.13 -25.19
CA THR D 3 0.49 10.32 -24.16
C THR D 3 1.78 11.01 -23.68
N ASN D 4 2.04 10.91 -22.38
CA ASN D 4 3.23 11.50 -21.78
C ASN D 4 4.42 10.60 -22.12
N PRO D 5 5.49 11.10 -22.79
CA PRO D 5 6.61 10.22 -23.19
C PRO D 5 7.42 9.58 -22.06
N PHE D 6 7.22 10.05 -20.82
CA PHE D 6 7.93 9.56 -19.65
C PHE D 6 7.23 8.44 -18.90
N ASP D 7 5.90 8.32 -19.04
CA ASP D 7 5.05 7.32 -18.39
C ASP D 7 5.61 5.87 -18.33
N GLN D 8 6.07 5.33 -19.47
CA GLN D 8 6.63 3.98 -19.59
C GLN D 8 7.89 3.78 -18.75
N ASP D 9 8.92 4.65 -18.93
CA ASP D 9 10.19 4.59 -18.19
C ASP D 9 10.00 4.86 -16.69
N VAL D 10 9.11 5.80 -16.33
CA VAL D 10 8.79 6.14 -14.93
C VAL D 10 8.14 4.95 -14.25
N GLU D 11 7.26 4.23 -14.97
CA GLU D 11 6.61 3.03 -14.46
C GLU D 11 7.63 1.91 -14.19
N LYS D 12 8.54 1.64 -15.14
CA LYS D 12 9.56 0.59 -14.97
C LYS D 12 10.50 0.92 -13.81
N ALA D 13 10.75 2.22 -13.57
CA ALA D 13 11.61 2.69 -12.48
C ALA D 13 10.89 2.79 -11.13
N THR D 14 9.56 2.59 -11.12
CA THR D 14 8.70 2.65 -9.92
C THR D 14 7.76 1.44 -9.80
N SER D 15 8.05 0.36 -10.57
CA SER D 15 7.29 -0.89 -10.63
C SER D 15 7.13 -1.53 -9.25
N GLU D 16 5.95 -2.10 -8.95
CA GLU D 16 5.71 -2.79 -7.67
C GLU D 16 6.50 -4.10 -7.59
N MET D 17 6.86 -4.66 -8.76
CA MET D 17 7.64 -5.90 -8.89
C MET D 17 9.09 -5.70 -8.49
N ASN D 18 9.60 -4.45 -8.60
CA ASN D 18 10.99 -4.10 -8.27
C ASN D 18 11.36 -4.40 -6.82
N THR D 19 12.59 -4.92 -6.64
CA THR D 19 13.20 -5.29 -5.37
C THR D 19 14.21 -4.20 -5.00
N ALA D 20 15.16 -3.93 -5.92
CA ALA D 20 16.21 -2.93 -5.76
C ALA D 20 15.95 -1.74 -6.66
N GLU D 21 16.60 -0.61 -6.38
CA GLU D 21 16.54 0.58 -7.21
C GLU D 21 17.37 0.34 -8.49
N ASP D 22 16.77 0.55 -9.68
CA ASP D 22 17.54 0.43 -10.92
C ASP D 22 18.05 1.85 -11.25
N TRP D 23 19.27 2.15 -10.78
CA TRP D 23 19.91 3.43 -10.96
C TRP D 23 20.28 3.73 -12.40
N GLY D 24 20.48 2.69 -13.20
CA GLY D 24 20.75 2.82 -14.64
C GLY D 24 19.57 3.45 -15.35
N LEU D 25 18.36 2.98 -15.02
CA LEU D 25 17.13 3.49 -15.57
C LEU D 25 16.82 4.89 -15.01
N ILE D 26 17.07 5.12 -13.70
CA ILE D 26 16.86 6.42 -13.08
C ILE D 26 17.71 7.52 -13.82
N LEU D 27 19.04 7.30 -13.98
CA LEU D 27 19.95 8.19 -14.71
C LEU D 27 19.58 8.39 -16.18
N ASP D 28 18.98 7.37 -16.81
CA ASP D 28 18.52 7.43 -18.20
C ASP D 28 17.30 8.35 -18.30
N ILE D 29 16.44 8.37 -17.25
CA ILE D 29 15.27 9.26 -17.18
C ILE D 29 15.76 10.71 -17.08
N CYS D 30 16.75 10.98 -16.19
CA CYS D 30 17.36 12.28 -15.98
C CYS D 30 17.98 12.83 -17.25
N ASP D 31 18.69 11.97 -17.99
CA ASP D 31 19.32 12.35 -19.27
C ASP D 31 18.29 12.69 -20.33
N LYS D 32 17.18 11.91 -20.38
CA LYS D 32 16.04 12.10 -21.30
C LYS D 32 15.35 13.49 -21.06
N VAL D 33 15.33 13.93 -19.78
CA VAL D 33 14.77 15.21 -19.34
C VAL D 33 15.45 16.37 -20.07
N GLY D 34 16.77 16.31 -20.19
CA GLY D 34 17.60 17.33 -20.84
C GLY D 34 17.59 17.34 -22.35
N GLN D 35 16.87 16.39 -22.97
CA GLN D 35 16.75 16.24 -24.42
C GLN D 35 15.60 17.02 -25.07
N SER D 36 14.69 17.59 -24.27
CA SER D 36 13.54 18.34 -24.80
C SER D 36 13.08 19.48 -23.90
N ARG D 37 12.46 20.50 -24.51
CA ARG D 37 11.93 21.68 -23.85
C ARG D 37 10.89 21.34 -22.75
N THR D 38 10.02 20.34 -23.06
CA THR D 38 8.91 19.91 -22.20
C THR D 38 9.26 18.73 -21.27
N GLY D 39 10.44 18.13 -21.48
CA GLY D 39 10.95 17.04 -20.68
C GLY D 39 10.79 17.20 -19.17
N PRO D 40 11.26 18.33 -18.56
CA PRO D 40 11.12 18.50 -17.10
C PRO D 40 9.67 18.52 -16.59
N LYS D 41 8.76 19.25 -17.28
CA LYS D 41 7.33 19.31 -16.92
C LYS D 41 6.64 17.95 -17.16
N ASP D 42 6.90 17.30 -18.31
CA ASP D 42 6.36 15.98 -18.66
C ASP D 42 6.75 14.95 -17.59
N CYS D 43 8.06 14.85 -17.31
CA CYS D 43 8.64 13.95 -16.34
C CYS D 43 8.12 14.18 -14.92
N LEU D 44 8.11 15.45 -14.43
CA LEU D 44 7.60 15.75 -13.08
C LEU D 44 6.13 15.32 -12.95
N ARG D 45 5.29 15.61 -13.98
CA ARG D 45 3.87 15.25 -13.96
C ARG D 45 3.67 13.73 -13.88
N SER D 46 4.49 12.98 -14.63
CA SER D 46 4.47 11.53 -14.68
C SER D 46 4.92 10.95 -13.32
N ILE D 47 5.98 11.56 -12.71
CA ILE D 47 6.48 11.16 -11.39
C ILE D 47 5.39 11.37 -10.36
N MET D 48 4.80 12.57 -10.26
CA MET D 48 3.77 12.89 -9.27
C MET D 48 2.52 11.98 -9.29
N ARG D 49 2.18 11.39 -10.44
CA ARG D 49 1.06 10.47 -10.56
C ARG D 49 1.43 9.17 -9.84
N ARG D 50 2.71 8.75 -9.93
CA ARG D 50 3.27 7.57 -9.26
C ARG D 50 3.49 7.84 -7.77
N VAL D 51 3.72 9.12 -7.37
CA VAL D 51 3.89 9.53 -5.96
C VAL D 51 2.51 9.41 -5.28
N ASN D 52 1.44 9.51 -6.07
CA ASN D 52 0.04 9.42 -5.65
C ASN D 52 -0.54 7.98 -5.69
N HIS D 53 0.31 6.98 -6.04
CA HIS D 53 -0.09 5.57 -6.11
C HIS D 53 -0.49 5.04 -4.75
N LYS D 54 -1.49 4.14 -4.72
CA LYS D 54 -2.01 3.51 -3.49
C LYS D 54 -0.95 2.67 -2.75
N ASP D 55 -0.11 1.93 -3.50
CA ASP D 55 0.98 1.10 -2.99
C ASP D 55 2.16 1.99 -2.57
N PRO D 56 2.52 2.02 -1.26
CA PRO D 56 3.64 2.86 -0.80
C PRO D 56 5.00 2.47 -1.36
N HIS D 57 5.17 1.18 -1.76
CA HIS D 57 6.39 0.67 -2.36
C HIS D 57 6.65 1.36 -3.71
N VAL D 58 5.55 1.69 -4.43
CA VAL D 58 5.58 2.38 -5.72
C VAL D 58 5.88 3.86 -5.46
N ALA D 59 5.10 4.50 -4.57
CA ALA D 59 5.19 5.90 -4.15
C ALA D 59 6.56 6.31 -3.67
N MET D 60 7.26 5.40 -2.95
CA MET D 60 8.60 5.61 -2.39
C MET D 60 9.59 5.60 -3.49
N GLN D 61 9.45 4.67 -4.45
CA GLN D 61 10.32 4.56 -5.62
C GLN D 61 10.23 5.79 -6.50
N ALA D 62 9.02 6.38 -6.56
CA ALA D 62 8.73 7.61 -7.27
C ALA D 62 9.43 8.80 -6.61
N LEU D 63 9.52 8.79 -5.27
CA LEU D 63 10.20 9.85 -4.53
C LEU D 63 11.72 9.80 -4.69
N THR D 64 12.27 8.60 -4.83
CA THR D 64 13.71 8.44 -5.09
C THR D 64 14.03 8.99 -6.52
N LEU D 65 13.08 8.78 -7.45
CA LEU D 65 13.20 9.27 -8.83
C LEU D 65 13.07 10.81 -8.82
N LEU D 66 12.13 11.33 -8.01
CA LEU D 66 11.91 12.77 -7.83
C LEU D 66 13.19 13.45 -7.34
N GLY D 67 13.80 12.88 -6.28
CA GLY D 67 15.04 13.35 -5.68
C GLY D 67 16.19 13.34 -6.67
N ALA D 68 16.30 12.26 -7.45
CA ALA D 68 17.37 12.10 -8.46
C ALA D 68 17.28 13.13 -9.58
N CYS D 69 16.05 13.48 -9.98
CA CYS D 69 15.73 14.48 -10.99
C CYS D 69 16.14 15.86 -10.51
N VAL D 70 15.85 16.18 -9.24
CA VAL D 70 16.25 17.47 -8.63
C VAL D 70 17.79 17.50 -8.51
N SER D 71 18.41 16.37 -8.18
CA SER D 71 19.86 16.21 -8.04
C SER D 71 20.61 16.37 -9.35
N ASN D 72 20.08 15.81 -10.45
CA ASN D 72 20.77 15.75 -11.73
C ASN D 72 20.23 16.54 -12.91
N CYS D 73 19.01 17.10 -12.83
CA CYS D 73 18.42 17.82 -13.98
C CYS D 73 18.58 19.35 -13.99
N GLY D 74 19.33 19.91 -13.05
CA GLY D 74 19.58 21.34 -13.02
C GLY D 74 18.38 22.24 -12.78
N LYS D 75 18.62 23.56 -12.89
CA LYS D 75 17.63 24.61 -12.66
C LYS D 75 16.32 24.48 -13.43
N ILE D 76 16.37 23.97 -14.66
CA ILE D 76 15.18 23.76 -15.50
C ILE D 76 14.14 22.87 -14.77
N PHE D 77 14.61 21.83 -14.02
CA PHE D 77 13.73 20.93 -13.25
C PHE D 77 13.32 21.60 -11.93
N HIS D 78 14.26 22.36 -11.28
CA HIS D 78 13.97 23.09 -10.04
C HIS D 78 12.83 24.10 -10.24
N LEU D 79 12.78 24.75 -11.42
CA LEU D 79 11.73 25.70 -11.76
C LEU D 79 10.36 25.01 -11.83
N GLU D 80 10.32 23.75 -12.27
CA GLU D 80 9.07 22.97 -12.35
C GLU D 80 8.52 22.61 -10.98
N VAL D 81 9.41 22.29 -10.05
CA VAL D 81 9.07 21.98 -8.66
C VAL D 81 8.67 23.32 -7.92
N CYS D 82 9.15 24.46 -8.41
CA CYS D 82 8.81 25.77 -7.85
C CYS D 82 7.57 26.34 -8.60
N SER D 83 6.43 25.61 -8.53
CA SER D 83 5.16 25.92 -9.19
C SER D 83 3.95 25.64 -8.29
N ARG D 84 2.79 26.25 -8.62
CA ARG D 84 1.51 26.04 -7.91
C ARG D 84 1.05 24.61 -8.09
N ASP D 85 1.27 24.05 -9.30
CA ASP D 85 0.97 22.66 -9.67
C ASP D 85 1.62 21.69 -8.70
N PHE D 86 2.90 21.93 -8.35
CA PHE D 86 3.64 21.08 -7.42
C PHE D 86 3.16 21.29 -5.98
N ALA D 87 2.95 22.55 -5.56
CA ALA D 87 2.45 22.86 -4.22
C ALA D 87 1.11 22.17 -3.91
N SER D 88 0.15 22.15 -4.88
CA SER D 88 -1.15 21.48 -4.69
C SER D 88 -0.97 19.94 -4.68
N GLU D 89 0.01 19.44 -5.46
CA GLU D 89 0.33 18.02 -5.52
C GLU D 89 0.97 17.56 -4.20
N VAL D 90 1.75 18.45 -3.55
CA VAL D 90 2.38 18.18 -2.26
C VAL D 90 1.33 18.07 -1.15
N SER D 91 0.46 19.10 -1.00
CA SER D 91 -0.61 19.07 0.01
C SER D 91 -1.60 17.90 -0.19
N ASN D 92 -1.87 17.51 -1.46
CA ASN D 92 -2.74 16.37 -1.77
C ASN D 92 -2.11 15.05 -1.29
N VAL D 93 -0.77 14.91 -1.46
CA VAL D 93 0.00 13.73 -1.04
C VAL D 93 0.12 13.67 0.48
N LEU D 94 0.42 14.81 1.14
CA LEU D 94 0.56 14.84 2.59
C LEU D 94 -0.72 14.53 3.36
N ASN D 95 -1.87 14.92 2.79
CA ASN D 95 -3.17 14.69 3.40
C ASN D 95 -3.70 13.26 3.24
N LYS D 96 -3.34 12.55 2.15
CA LYS D 96 -3.82 11.18 1.89
C LYS D 96 -2.74 10.06 1.97
N GLY D 97 -1.49 10.43 1.80
CA GLY D 97 -0.38 9.48 1.75
C GLY D 97 -0.01 8.74 3.02
N HIS D 98 0.79 7.69 2.83
CA HIS D 98 1.34 6.80 3.85
C HIS D 98 2.37 7.59 4.70
N PRO D 99 2.47 7.38 6.05
CA PRO D 99 3.46 8.13 6.86
C PRO D 99 4.91 8.10 6.35
N LYS D 100 5.33 6.95 5.77
CA LYS D 100 6.66 6.69 5.18
C LYS D 100 6.88 7.60 3.95
N VAL D 101 5.82 7.79 3.14
CA VAL D 101 5.79 8.60 1.94
C VAL D 101 5.86 10.09 2.33
N CYS D 102 5.05 10.49 3.34
CA CYS D 102 5.03 11.85 3.88
C CYS D 102 6.39 12.25 4.46
N GLU D 103 7.04 11.33 5.20
CA GLU D 103 8.37 11.50 5.82
C GLU D 103 9.42 11.83 4.73
N LYS D 104 9.48 11.00 3.67
CA LYS D 104 10.41 11.13 2.53
C LYS D 104 10.18 12.44 1.75
N LEU D 105 8.92 12.77 1.42
CA LEU D 105 8.56 13.98 0.71
C LEU D 105 8.95 15.23 1.46
N LYS D 106 8.67 15.29 2.77
CA LYS D 106 9.02 16.43 3.61
C LYS D 106 10.53 16.55 3.77
N ALA D 107 11.27 15.42 3.80
CA ALA D 107 12.75 15.40 3.95
C ALA D 107 13.40 15.98 2.72
N LEU D 108 12.89 15.61 1.52
CA LEU D 108 13.34 16.10 0.23
C LEU D 108 13.16 17.60 0.18
N MET D 109 12.02 18.11 0.69
CA MET D 109 11.72 19.53 0.72
C MET D 109 12.74 20.33 1.50
N VAL D 110 13.14 19.85 2.70
CA VAL D 110 14.13 20.48 3.59
C VAL D 110 15.50 20.54 2.89
N GLU D 111 15.88 19.47 2.18
CA GLU D 111 17.11 19.35 1.40
C GLU D 111 17.13 20.40 0.29
N TRP D 112 15.97 20.56 -0.41
CA TRP D 112 15.84 21.47 -1.55
C TRP D 112 15.94 22.91 -1.13
N THR D 113 15.28 23.29 -0.01
CA THR D 113 15.38 24.69 0.42
C THR D 113 16.81 25.08 0.72
N ASP D 114 17.56 24.17 1.36
CA ASP D 114 18.96 24.39 1.67
C ASP D 114 19.78 24.50 0.38
N GLU D 115 19.47 23.63 -0.59
CA GLU D 115 20.12 23.65 -1.90
C GLU D 115 19.80 24.92 -2.68
N PHE D 116 18.56 25.45 -2.54
CA PHE D 116 18.02 26.61 -3.27
C PHE D 116 18.19 27.94 -2.56
N LYS D 117 18.77 27.93 -1.35
CA LYS D 117 18.93 29.13 -0.51
C LYS D 117 19.54 30.37 -1.17
N ASN D 118 20.49 30.22 -2.09
CA ASN D 118 21.16 31.36 -2.73
C ASN D 118 20.52 31.82 -4.04
N ASP D 119 19.41 31.18 -4.47
CA ASP D 119 18.69 31.60 -5.67
C ASP D 119 17.27 32.13 -5.31
N PRO D 120 17.04 33.45 -5.52
CA PRO D 120 15.73 34.03 -5.19
C PRO D 120 14.59 33.58 -6.10
N GLN D 121 14.91 33.03 -7.29
CA GLN D 121 13.89 32.53 -8.22
C GLN D 121 13.40 31.13 -7.80
N LEU D 122 14.10 30.46 -6.84
CA LEU D 122 13.78 29.10 -6.36
C LEU D 122 13.20 29.02 -4.92
N SER D 123 12.75 30.16 -4.36
CA SER D 123 12.23 30.30 -3.00
C SER D 123 10.90 29.60 -2.68
N LEU D 124 10.15 29.14 -3.70
CA LEU D 124 8.83 28.52 -3.53
C LEU D 124 8.79 27.34 -2.58
N ILE D 125 9.78 26.42 -2.58
CA ILE D 125 9.83 25.26 -1.67
C ILE D 125 9.90 25.72 -0.20
N SER D 126 10.71 26.77 0.10
CA SER D 126 10.82 27.33 1.45
C SER D 126 9.49 27.98 1.88
N ALA D 127 8.78 28.61 0.91
CA ALA D 127 7.47 29.24 1.11
C ALA D 127 6.43 28.15 1.42
N MET D 128 6.46 27.03 0.65
CA MET D 128 5.59 25.87 0.84
C MET D 128 5.79 25.33 2.24
N ILE D 129 7.07 25.17 2.69
CA ILE D 129 7.43 24.67 4.05
C ILE D 129 6.80 25.55 5.13
N LYS D 130 7.01 26.89 5.07
CA LYS D 130 6.47 27.87 6.01
C LYS D 130 4.93 27.82 6.04
N ASN D 131 4.28 27.70 4.86
CA ASN D 131 2.82 27.61 4.73
C ASN D 131 2.27 26.33 5.35
N LEU D 132 2.98 25.19 5.19
CA LEU D 132 2.58 23.90 5.77
C LEU D 132 2.79 23.87 7.29
N LYS D 133 3.82 24.57 7.78
CA LYS D 133 4.13 24.70 9.21
C LYS D 133 3.04 25.52 9.95
N GLU D 134 2.41 26.48 9.25
CA GLU D 134 1.31 27.31 9.77
C GLU D 134 0.05 26.46 9.98
N GLN D 135 -0.12 25.41 9.15
CA GLN D 135 -1.21 24.44 9.19
C GLN D 135 -0.92 23.31 10.20
N GLY D 136 0.19 23.45 10.94
CA GLY D 136 0.62 22.51 11.97
C GLY D 136 1.48 21.34 11.52
N VAL D 137 1.87 21.30 10.22
CA VAL D 137 2.73 20.21 9.71
C VAL D 137 4.16 20.39 10.25
N THR D 138 4.78 19.30 10.73
CA THR D 138 6.14 19.29 11.28
C THR D 138 7.17 18.84 10.24
N PHE D 139 8.31 19.58 10.14
CA PHE D 139 9.38 19.30 9.18
C PHE D 139 10.71 18.92 9.85
N PRO D 140 10.90 17.62 10.23
CA PRO D 140 12.17 17.22 10.84
C PRO D 140 13.35 17.26 9.85
N PHE E 1 -8.73 -16.31 26.53
CA PHE E 1 -8.06 -15.84 25.33
C PHE E 1 -6.74 -15.16 25.69
N ALA E 2 -5.61 -15.75 25.23
CA ALA E 2 -4.27 -15.25 25.54
C ALA E 2 -3.48 -14.72 24.35
N THR E 3 -2.79 -13.62 24.60
CA THR E 3 -1.94 -12.93 23.65
C THR E 3 -0.56 -13.59 23.58
N ASN E 4 -0.03 -13.79 22.35
CA ASN E 4 1.28 -14.40 22.10
C ASN E 4 2.38 -13.55 22.77
N PRO E 5 3.22 -14.15 23.69
CA PRO E 5 4.26 -13.36 24.39
C PRO E 5 5.35 -12.75 23.52
N PHE E 6 5.45 -13.20 22.25
CA PHE E 6 6.44 -12.73 21.30
C PHE E 6 6.02 -11.54 20.44
N ASP E 7 4.69 -11.35 20.27
CA ASP E 7 4.09 -10.31 19.43
C ASP E 7 4.70 -8.91 19.54
N GLN E 8 4.90 -8.40 20.77
CA GLN E 8 5.47 -7.08 21.03
C GLN E 8 6.91 -6.94 20.51
N ASP E 9 7.83 -7.85 20.94
CA ASP E 9 9.25 -7.87 20.53
C ASP E 9 9.40 -8.13 19.03
N VAL E 10 8.60 -9.06 18.48
CA VAL E 10 8.61 -9.43 17.05
C VAL E 10 8.23 -8.19 16.23
N GLU E 11 7.22 -7.41 16.69
CA GLU E 11 6.75 -6.18 16.03
C GLU E 11 7.84 -5.11 16.01
N LYS E 12 8.51 -4.86 17.17
CA LYS E 12 9.58 -3.85 17.24
C LYS E 12 10.75 -4.22 16.33
N ALA E 13 11.02 -5.52 16.17
CA ALA E 13 12.10 -6.04 15.33
C ALA E 13 11.70 -6.11 13.86
N THR E 14 10.42 -5.88 13.55
CA THR E 14 9.89 -5.91 12.19
C THR E 14 9.02 -4.66 11.89
N SER E 15 9.21 -3.56 12.68
CA SER E 15 8.46 -2.30 12.52
C SER E 15 8.71 -1.64 11.17
N GLU E 16 7.66 -1.06 10.57
CA GLU E 16 7.74 -0.36 9.27
C GLU E 16 8.57 0.92 9.36
N MET E 17 8.64 1.49 10.58
CA MET E 17 9.41 2.70 10.88
C MET E 17 10.92 2.45 10.84
N ASN E 18 11.36 1.19 11.09
CA ASN E 18 12.77 0.79 11.11
C ASN E 18 13.48 0.99 9.78
N THR E 19 14.73 1.49 9.87
CA THR E 19 15.62 1.72 8.73
C THR E 19 16.72 0.64 8.81
N ALA E 20 17.37 0.57 9.99
CA ALA E 20 18.46 -0.34 10.35
C ALA E 20 17.95 -1.58 11.10
N GLU E 21 18.69 -2.70 10.97
CA GLU E 21 18.42 -3.99 11.62
C GLU E 21 18.99 -3.94 13.02
N ASP E 22 18.13 -4.06 14.05
CA ASP E 22 18.55 -4.03 15.46
C ASP E 22 18.85 -5.47 15.88
N TRP E 23 20.12 -5.86 15.74
CA TRP E 23 20.62 -7.20 16.07
C TRP E 23 20.57 -7.53 17.55
N GLY E 24 20.59 -6.51 18.38
CA GLY E 24 20.45 -6.67 19.83
C GLY E 24 19.08 -7.21 20.19
N LEU E 25 18.04 -6.71 19.50
CA LEU E 25 16.67 -7.14 19.68
C LEU E 25 16.44 -8.54 19.06
N ILE E 26 17.05 -8.84 17.89
CA ILE E 26 16.92 -10.15 17.27
C ILE E 26 17.51 -11.23 18.21
N LEU E 27 18.73 -11.01 18.76
CA LEU E 27 19.39 -11.93 19.69
C LEU E 27 18.62 -12.09 21.00
N ASP E 28 17.90 -11.04 21.43
CA ASP E 28 17.08 -11.07 22.64
C ASP E 28 15.85 -11.96 22.41
N ILE E 29 15.31 -11.97 21.15
CA ILE E 29 14.18 -12.80 20.76
C ILE E 29 14.63 -14.28 20.76
N CYS E 30 15.83 -14.54 20.17
CA CYS E 30 16.43 -15.88 20.11
C CYS E 30 16.68 -16.45 21.48
N ASP E 31 17.16 -15.62 22.41
CA ASP E 31 17.41 -16.04 23.80
C ASP E 31 16.12 -16.37 24.50
N LYS E 32 15.05 -15.58 24.25
CA LYS E 32 13.72 -15.73 24.84
C LYS E 32 13.06 -17.07 24.45
N VAL E 33 13.29 -17.52 23.20
CA VAL E 33 12.81 -18.80 22.68
C VAL E 33 13.29 -19.92 23.59
N GLY E 34 14.60 -19.94 23.85
CA GLY E 34 15.27 -20.97 24.66
C GLY E 34 14.89 -21.01 26.12
N GLN E 35 14.07 -20.05 26.58
CA GLN E 35 13.64 -19.96 27.97
C GLN E 35 12.33 -20.70 28.31
N SER E 36 11.58 -21.15 27.29
CA SER E 36 10.31 -21.84 27.53
C SER E 36 10.01 -22.93 26.50
N ARG E 37 9.23 -23.93 26.93
CA ARG E 37 8.80 -25.10 26.15
C ARG E 37 8.07 -24.69 24.87
N THR E 38 7.19 -23.68 24.97
CA THR E 38 6.33 -23.18 23.89
C THR E 38 6.98 -22.03 23.10
N GLY E 39 8.10 -21.51 23.62
CA GLY E 39 8.91 -20.45 23.02
C GLY E 39 9.11 -20.62 21.54
N PRO E 40 9.71 -21.74 21.06
CA PRO E 40 9.89 -21.90 19.60
C PRO E 40 8.62 -21.81 18.77
N LYS E 41 7.52 -22.51 19.15
CA LYS E 41 6.25 -22.49 18.40
C LYS E 41 5.56 -21.11 18.46
N ASP E 42 5.52 -20.49 19.65
CA ASP E 42 4.95 -19.15 19.86
C ASP E 42 5.63 -18.12 18.95
N CYS E 43 6.97 -18.09 19.00
CA CYS E 43 7.81 -17.21 18.22
C CYS E 43 7.66 -17.41 16.70
N LEU E 44 7.71 -18.66 16.21
CA LEU E 44 7.54 -18.94 14.78
C LEU E 44 6.15 -18.46 14.29
N ARG E 45 5.08 -18.72 15.08
CA ARG E 45 3.73 -18.29 14.73
C ARG E 45 3.62 -16.75 14.67
N SER E 46 4.27 -16.06 15.64
CA SER E 46 4.39 -14.61 15.74
C SER E 46 5.17 -14.03 14.55
N ILE E 47 6.24 -14.72 14.10
CA ILE E 47 7.06 -14.32 12.94
C ILE E 47 6.25 -14.45 11.66
N MET E 48 5.65 -15.64 11.41
CA MET E 48 4.90 -15.93 10.19
C MET E 48 3.73 -14.97 9.92
N ARG E 49 3.13 -14.40 10.97
CA ARG E 49 2.04 -13.42 10.84
C ARG E 49 2.62 -12.12 10.24
N ARG E 50 3.85 -11.76 10.66
CA ARG E 50 4.59 -10.59 10.16
C ARG E 50 5.17 -10.85 8.76
N VAL E 51 5.45 -12.11 8.39
CA VAL E 51 5.97 -12.44 7.02
C VAL E 51 4.78 -12.23 6.06
N ASN E 52 3.55 -12.47 6.57
CA ASN E 52 2.28 -12.34 5.85
C ASN E 52 1.73 -10.89 5.79
N HIS E 53 2.48 -9.90 6.34
CA HIS E 53 2.10 -8.49 6.35
C HIS E 53 2.07 -7.95 4.92
N LYS E 54 1.16 -6.99 4.65
CA LYS E 54 0.99 -6.36 3.33
C LYS E 54 2.25 -5.58 2.87
N ASP E 55 2.90 -4.86 3.80
CA ASP E 55 4.12 -4.09 3.59
C ASP E 55 5.33 -5.06 3.47
N PRO E 56 6.01 -5.11 2.28
CA PRO E 56 7.16 -6.02 2.11
C PRO E 56 8.36 -5.67 2.98
N HIS E 57 8.47 -4.41 3.43
CA HIS E 57 9.53 -3.92 4.31
C HIS E 57 9.43 -4.60 5.70
N VAL E 58 8.17 -4.80 6.20
CA VAL E 58 7.86 -5.48 7.46
C VAL E 58 8.16 -6.97 7.26
N ALA E 59 7.68 -7.54 6.12
CA ALA E 59 7.85 -8.93 5.72
C ALA E 59 9.31 -9.36 5.62
N MET E 60 10.16 -8.52 5.01
CA MET E 60 11.61 -8.72 4.80
C MET E 60 12.36 -8.77 6.11
N GLN E 61 12.01 -7.85 7.05
CA GLN E 61 12.53 -7.78 8.42
C GLN E 61 12.20 -9.09 9.16
N ALA E 62 10.94 -9.59 8.98
CA ALA E 62 10.42 -10.86 9.52
C ALA E 62 11.17 -12.10 8.94
N LEU E 63 11.63 -12.04 7.68
CA LEU E 63 12.40 -13.15 7.12
C LEU E 63 13.86 -13.16 7.61
N THR E 64 14.41 -12.00 8.03
CA THR E 64 15.78 -11.99 8.57
C THR E 64 15.72 -12.50 10.03
N LEU E 65 14.60 -12.23 10.74
CA LEU E 65 14.35 -12.73 12.10
C LEU E 65 14.16 -14.26 12.05
N LEU E 66 13.41 -14.74 11.04
CA LEU E 66 13.18 -16.16 10.81
C LEU E 66 14.52 -16.90 10.62
N GLY E 67 15.38 -16.37 9.74
CA GLY E 67 16.71 -16.90 9.46
C GLY E 67 17.60 -16.94 10.70
N ALA E 68 17.55 -15.87 11.51
CA ALA E 68 18.32 -15.76 12.75
C ALA E 68 17.89 -16.80 13.80
N CYS E 69 16.57 -17.07 13.87
CA CYS E 69 15.97 -18.07 14.73
C CYS E 69 16.45 -19.50 14.40
N VAL E 70 16.53 -19.85 13.10
CA VAL E 70 17.03 -21.14 12.65
C VAL E 70 18.53 -21.20 12.93
N SER E 71 19.21 -20.08 12.71
CA SER E 71 20.65 -20.00 12.95
C SER E 71 21.06 -20.13 14.40
N ASN E 72 20.29 -19.58 15.34
CA ASN E 72 20.66 -19.50 16.73
C ASN E 72 19.83 -20.24 17.76
N CYS E 73 18.61 -20.67 17.39
CA CYS E 73 17.75 -21.35 18.36
C CYS E 73 17.86 -22.88 18.42
N GLY E 74 18.73 -23.45 17.59
CA GLY E 74 18.99 -24.89 17.60
C GLY E 74 17.87 -25.76 17.07
N LYS E 75 17.95 -27.07 17.38
CA LYS E 75 17.03 -28.10 16.92
C LYS E 75 15.58 -27.92 17.26
N ILE E 76 15.24 -27.42 18.48
CA ILE E 76 13.86 -27.14 18.92
C ILE E 76 13.13 -26.32 17.87
N PHE E 77 13.79 -25.22 17.40
CA PHE E 77 13.23 -24.34 16.38
C PHE E 77 13.18 -25.01 15.00
N HIS E 78 14.20 -25.79 14.63
CA HIS E 78 14.23 -26.49 13.35
C HIS E 78 13.03 -27.42 13.25
N LEU E 79 12.70 -28.11 14.35
CA LEU E 79 11.55 -29.01 14.44
C LEU E 79 10.24 -28.26 14.23
N GLU E 80 10.12 -27.02 14.77
CA GLU E 80 8.89 -26.22 14.59
C GLU E 80 8.74 -25.83 13.15
N VAL E 81 9.87 -25.54 12.49
CA VAL E 81 9.98 -25.21 11.06
C VAL E 81 9.70 -26.46 10.20
N CYS E 82 10.04 -27.65 10.70
CA CYS E 82 9.80 -28.93 10.01
C CYS E 82 8.40 -29.48 10.41
N SER E 83 7.33 -28.74 10.01
CA SER E 83 5.92 -29.05 10.32
C SER E 83 5.00 -28.75 9.14
N ARG E 84 3.80 -29.36 9.14
CA ARG E 84 2.79 -29.11 8.09
C ARG E 84 2.27 -27.69 8.20
N ASP E 85 2.15 -27.17 9.43
CA ASP E 85 1.77 -25.79 9.71
C ASP E 85 2.67 -24.79 8.99
N PHE E 86 4.01 -25.03 8.99
CA PHE E 86 4.97 -24.17 8.32
C PHE E 86 4.89 -24.34 6.80
N ALA E 87 4.77 -25.60 6.30
CA ALA E 87 4.66 -25.88 4.87
C ALA E 87 3.43 -25.18 4.27
N SER E 88 2.33 -25.15 5.05
CA SER E 88 1.07 -24.49 4.70
C SER E 88 1.30 -22.97 4.58
N GLU E 89 2.03 -22.41 5.57
CA GLU E 89 2.37 -21.00 5.68
C GLU E 89 3.33 -20.57 4.56
N VAL E 90 4.23 -21.50 4.11
CA VAL E 90 5.19 -21.28 3.03
C VAL E 90 4.48 -21.11 1.70
N SER E 91 3.61 -22.09 1.32
CA SER E 91 2.84 -22.02 0.07
C SER E 91 1.85 -20.84 0.02
N ASN E 92 1.28 -20.44 1.17
CA ASN E 92 0.38 -19.28 1.29
C ASN E 92 1.15 -17.97 1.01
N VAL E 93 2.41 -17.87 1.50
CA VAL E 93 3.30 -16.72 1.30
C VAL E 93 3.79 -16.66 -0.15
N LEU E 94 4.21 -17.80 -0.73
CA LEU E 94 4.71 -17.83 -2.11
C LEU E 94 3.65 -17.45 -3.16
N ASN E 95 2.39 -17.82 -2.90
CA ASN E 95 1.28 -17.53 -3.80
C ASN E 95 0.76 -16.08 -3.75
N LYS E 96 0.88 -15.39 -2.60
CA LYS E 96 0.40 -14.01 -2.44
C LYS E 96 1.50 -12.95 -2.24
N GLY E 97 2.67 -13.40 -1.80
CA GLY E 97 3.82 -12.55 -1.48
C GLY E 97 4.48 -11.79 -2.61
N HIS E 98 5.17 -10.71 -2.21
CA HIS E 98 5.95 -9.83 -3.05
C HIS E 98 7.16 -10.63 -3.63
N PRO E 99 7.58 -10.41 -4.90
CA PRO E 99 8.73 -11.18 -5.45
C PRO E 99 10.01 -11.18 -4.61
N LYS E 100 10.29 -10.05 -3.91
CA LYS E 100 11.43 -9.83 -3.00
C LYS E 100 11.33 -10.76 -1.78
N VAL E 101 10.11 -10.92 -1.26
CA VAL E 101 9.76 -11.77 -0.11
C VAL E 101 9.90 -13.23 -0.51
N CYS E 102 9.34 -13.61 -1.68
CA CYS E 102 9.43 -14.97 -2.24
C CYS E 102 10.88 -15.40 -2.46
N GLU E 103 11.71 -14.49 -3.00
CA GLU E 103 13.13 -14.69 -3.28
C GLU E 103 13.90 -15.06 -2.00
N LYS E 104 13.71 -14.25 -0.93
CA LYS E 104 14.34 -14.42 0.39
C LYS E 104 13.91 -15.72 1.09
N LEU E 105 12.58 -16.00 1.16
CA LEU E 105 12.05 -17.22 1.76
C LEU E 105 12.60 -18.48 1.06
N LYS E 106 12.59 -18.52 -0.30
CA LYS E 106 13.11 -19.66 -1.05
C LYS E 106 14.63 -19.83 -0.85
N ALA E 107 15.37 -18.71 -0.69
CA ALA E 107 16.83 -18.73 -0.47
C ALA E 107 17.12 -19.40 0.86
N LEU E 108 16.39 -18.97 1.92
CA LEU E 108 16.46 -19.53 3.28
C LEU E 108 16.24 -21.04 3.26
N MET E 109 15.23 -21.51 2.51
CA MET E 109 14.92 -22.94 2.38
C MET E 109 16.07 -23.75 1.83
N VAL E 110 16.78 -23.25 0.80
CA VAL E 110 17.94 -23.90 0.18
C VAL E 110 19.08 -24.04 1.20
N GLU E 111 19.31 -22.98 2.00
CA GLU E 111 20.31 -22.92 3.06
C GLU E 111 20.02 -23.97 4.14
N TRP E 112 18.74 -24.06 4.54
CA TRP E 112 18.28 -25.00 5.58
C TRP E 112 18.41 -26.44 5.15
N THR E 113 18.08 -26.76 3.87
CA THR E 113 18.17 -28.15 3.37
C THR E 113 19.60 -28.65 3.42
N ASP E 114 20.55 -27.75 3.11
CA ASP E 114 21.97 -28.05 3.18
C ASP E 114 22.40 -28.24 4.64
N GLU E 115 21.92 -27.35 5.53
CA GLU E 115 22.21 -27.42 6.96
C GLU E 115 21.61 -28.69 7.60
N PHE E 116 20.38 -29.08 7.21
CA PHE E 116 19.64 -30.23 7.78
C PHE E 116 19.92 -31.59 7.09
N LYS E 117 20.78 -31.63 6.03
CA LYS E 117 21.09 -32.82 5.24
C LYS E 117 21.47 -34.09 6.00
N ASN E 118 22.19 -34.01 7.12
CA ASN E 118 22.62 -35.20 7.87
C ASN E 118 21.67 -35.65 8.97
N ASP E 119 20.52 -34.97 9.15
CA ASP E 119 19.55 -35.33 10.18
C ASP E 119 18.24 -35.82 9.53
N PRO E 120 17.89 -37.11 9.74
CA PRO E 120 16.65 -37.66 9.13
C PRO E 120 15.36 -37.07 9.68
N GLN E 121 15.40 -36.53 10.91
CA GLN E 121 14.24 -35.89 11.53
C GLN E 121 13.94 -34.49 10.96
N LEU E 122 14.89 -33.86 10.21
CA LEU E 122 14.73 -32.51 9.65
C LEU E 122 14.60 -32.41 8.12
N SER E 123 14.26 -33.53 7.47
CA SER E 123 14.09 -33.68 6.01
C SER E 123 12.88 -32.94 5.39
N LEU E 124 11.96 -32.42 6.21
CA LEU E 124 10.75 -31.75 5.71
C LEU E 124 10.96 -30.58 4.78
N ILE E 125 11.98 -29.74 5.03
CA ILE E 125 12.29 -28.57 4.20
C ILE E 125 12.68 -29.02 2.80
N SER E 126 13.53 -30.08 2.69
CA SER E 126 13.96 -30.64 1.41
C SER E 126 12.78 -31.25 0.65
N ALA E 127 11.82 -31.86 1.39
CA ALA E 127 10.60 -32.43 0.83
C ALA E 127 9.71 -31.31 0.28
N MET E 128 9.61 -30.18 1.04
CA MET E 128 8.88 -28.97 0.68
C MET E 128 9.42 -28.40 -0.63
N ILE E 129 10.77 -28.35 -0.77
CA ILE E 129 11.48 -27.86 -1.96
C ILE E 129 11.13 -28.71 -3.18
N LYS E 130 11.29 -30.06 -3.07
CA LYS E 130 10.96 -31.04 -4.12
C LYS E 130 9.49 -30.92 -4.58
N ASN E 131 8.56 -30.78 -3.61
CA ASN E 131 7.12 -30.64 -3.86
C ASN E 131 6.80 -29.32 -4.58
N LEU E 132 7.49 -28.21 -4.23
CA LEU E 132 7.29 -26.91 -4.87
C LEU E 132 7.88 -26.89 -6.28
N LYS E 133 8.99 -27.62 -6.50
CA LYS E 133 9.66 -27.76 -7.81
C LYS E 133 8.77 -28.52 -8.82
N GLU E 134 7.94 -29.46 -8.32
CA GLU E 134 6.98 -30.25 -9.12
C GLU E 134 5.85 -29.34 -9.61
N GLN E 135 5.52 -28.28 -8.85
CA GLN E 135 4.51 -27.26 -9.16
C GLN E 135 5.09 -26.16 -10.05
N GLY E 136 6.33 -26.34 -10.49
CA GLY E 136 7.05 -25.41 -11.35
C GLY E 136 7.81 -24.28 -10.68
N VAL E 137 7.88 -24.27 -9.33
CA VAL E 137 8.59 -23.22 -8.58
C VAL E 137 10.11 -23.44 -8.74
N THR E 138 10.85 -22.36 -9.03
CA THR E 138 12.31 -22.38 -9.21
C THR E 138 13.04 -21.98 -7.93
N PHE E 139 14.08 -22.76 -7.56
CA PHE E 139 14.89 -22.53 -6.36
C PHE E 139 16.36 -22.22 -6.70
N PRO E 140 16.71 -20.94 -7.00
CA PRO E 140 18.11 -20.61 -7.33
C PRO E 140 19.03 -20.75 -6.10
N MET F 1 40.82 8.01 3.98
CA MET F 1 39.52 7.54 4.47
C MET F 1 38.95 6.38 3.63
N GLN F 2 37.97 5.65 4.18
CA GLN F 2 37.32 4.54 3.50
C GLN F 2 35.86 4.80 3.12
N ILE F 3 35.49 4.42 1.88
CA ILE F 3 34.14 4.55 1.33
C ILE F 3 33.67 3.20 0.81
N PHE F 4 32.35 3.02 0.64
CA PHE F 4 31.76 1.77 0.15
C PHE F 4 31.04 1.97 -1.19
N VAL F 5 31.30 1.09 -2.17
CA VAL F 5 30.70 1.15 -3.50
C VAL F 5 29.81 -0.08 -3.76
N LYS F 6 28.49 0.11 -3.72
CA LYS F 6 27.50 -0.94 -3.96
C LYS F 6 27.23 -1.10 -5.45
N THR F 7 27.12 -2.36 -5.91
CA THR F 7 26.85 -2.70 -7.31
C THR F 7 25.45 -3.31 -7.44
N LEU F 8 25.03 -3.57 -8.69
CA LEU F 8 23.73 -4.17 -9.03
C LEU F 8 23.64 -5.63 -8.53
N THR F 9 24.81 -6.28 -8.33
CA THR F 9 24.94 -7.66 -7.83
C THR F 9 24.82 -7.77 -6.29
N GLY F 10 24.85 -6.63 -5.61
CA GLY F 10 24.78 -6.56 -4.15
C GLY F 10 26.13 -6.57 -3.47
N LYS F 11 27.22 -6.74 -4.27
CA LYS F 11 28.61 -6.74 -3.80
C LYS F 11 29.00 -5.36 -3.33
N THR F 12 29.72 -5.27 -2.21
CA THR F 12 30.18 -4.00 -1.65
C THR F 12 31.71 -3.89 -1.71
N ILE F 13 32.21 -3.08 -2.67
CA ILE F 13 33.64 -2.80 -2.89
C ILE F 13 34.07 -1.73 -1.90
N THR F 14 35.11 -2.00 -1.08
CA THR F 14 35.62 -1.03 -0.12
C THR F 14 36.90 -0.41 -0.69
N LEU F 15 36.96 0.94 -0.76
CA LEU F 15 38.10 1.69 -1.31
C LEU F 15 38.72 2.63 -0.29
N GLU F 16 40.05 2.87 -0.42
CA GLU F 16 40.79 3.82 0.40
C GLU F 16 41.05 5.05 -0.48
N VAL F 17 40.44 6.18 -0.08
CA VAL F 17 40.47 7.45 -0.82
C VAL F 17 40.72 8.65 0.10
N GLU F 18 40.80 9.84 -0.52
CA GLU F 18 40.95 11.11 0.17
C GLU F 18 40.08 12.18 -0.51
N PRO F 19 39.45 13.11 0.26
CA PRO F 19 38.57 14.14 -0.37
C PRO F 19 39.11 14.88 -1.61
N SER F 20 40.43 14.93 -1.77
CA SER F 20 41.12 15.56 -2.90
C SER F 20 40.98 14.77 -4.21
N ASP F 21 40.69 13.45 -4.12
CA ASP F 21 40.57 12.56 -5.27
C ASP F 21 39.38 12.91 -6.17
N THR F 22 39.62 12.89 -7.50
CA THR F 22 38.58 13.15 -8.51
C THR F 22 37.75 11.89 -8.77
N ILE F 23 36.64 12.03 -9.53
CA ILE F 23 35.76 10.93 -9.90
C ILE F 23 36.47 9.98 -10.88
N GLU F 24 37.34 10.53 -11.75
CA GLU F 24 38.19 9.82 -12.71
C GLU F 24 39.15 8.86 -11.96
N ASN F 25 39.69 9.33 -10.81
CA ASN F 25 40.62 8.60 -9.93
C ASN F 25 39.94 7.41 -9.26
N VAL F 26 38.73 7.63 -8.72
CA VAL F 26 37.93 6.62 -8.02
C VAL F 26 37.55 5.49 -9.00
N LYS F 27 37.18 5.86 -10.25
CA LYS F 27 36.85 4.92 -11.34
C LYS F 27 38.06 4.05 -11.68
N ALA F 28 39.27 4.67 -11.69
CA ALA F 28 40.56 4.03 -11.94
C ALA F 28 40.90 3.06 -10.80
N LYS F 29 40.57 3.43 -9.53
CA LYS F 29 40.78 2.58 -8.37
C LYS F 29 39.88 1.35 -8.45
N ILE F 30 38.62 1.53 -8.91
CA ILE F 30 37.65 0.44 -9.11
C ILE F 30 38.17 -0.54 -10.18
N GLN F 31 38.84 -0.01 -11.25
CA GLN F 31 39.45 -0.80 -12.31
C GLN F 31 40.59 -1.66 -11.75
N ASP F 32 41.35 -1.13 -10.78
CA ASP F 32 42.46 -1.85 -10.14
C ASP F 32 41.96 -3.02 -9.28
N LYS F 33 40.97 -2.77 -8.39
CA LYS F 33 40.39 -3.78 -7.50
C LYS F 33 39.44 -4.78 -8.17
N GLU F 34 38.71 -4.33 -9.22
CA GLU F 34 37.69 -5.17 -9.85
C GLU F 34 37.84 -5.51 -11.34
N GLY F 35 38.66 -4.75 -12.05
CA GLY F 35 38.92 -4.96 -13.47
C GLY F 35 37.97 -4.22 -14.39
N ILE F 36 36.94 -3.56 -13.81
CA ILE F 36 35.91 -2.80 -14.50
C ILE F 36 36.48 -1.58 -15.26
N PRO F 37 36.31 -1.52 -16.61
CA PRO F 37 36.81 -0.34 -17.36
C PRO F 37 36.08 0.93 -16.95
N PRO F 38 36.79 2.09 -16.80
CA PRO F 38 36.12 3.34 -16.40
C PRO F 38 35.00 3.83 -17.34
N ASP F 39 35.14 3.61 -18.65
CA ASP F 39 34.14 4.01 -19.65
C ASP F 39 32.77 3.26 -19.52
N GLN F 40 32.76 2.13 -18.78
CA GLN F 40 31.57 1.29 -18.54
C GLN F 40 30.95 1.57 -17.15
N GLN F 41 31.45 2.60 -16.45
CA GLN F 41 30.96 2.90 -15.11
C GLN F 41 30.45 4.33 -14.86
N ARG F 42 29.39 4.42 -14.06
CA ARG F 42 28.67 5.63 -13.62
C ARG F 42 28.52 5.54 -12.11
N LEU F 43 28.95 6.58 -11.40
CA LEU F 43 28.90 6.66 -9.95
C LEU F 43 27.84 7.64 -9.46
N ILE F 44 27.12 7.25 -8.40
CA ILE F 44 26.01 7.99 -7.81
C ILE F 44 26.22 8.13 -6.31
N PHE F 45 25.90 9.30 -5.78
CA PHE F 45 25.91 9.57 -4.34
C PHE F 45 24.58 10.21 -3.97
N ALA F 46 23.73 9.47 -3.21
CA ALA F 46 22.40 9.85 -2.76
C ALA F 46 21.53 10.42 -3.92
N GLY F 47 21.51 9.71 -5.05
CA GLY F 47 20.75 10.11 -6.23
C GLY F 47 21.51 10.92 -7.26
N LYS F 48 22.58 11.65 -6.84
CA LYS F 48 23.37 12.50 -7.73
C LYS F 48 24.51 11.77 -8.48
N GLN F 49 24.48 11.78 -9.83
CA GLN F 49 25.51 11.19 -10.69
C GLN F 49 26.74 12.08 -10.57
N LEU F 50 27.92 11.46 -10.39
CA LEU F 50 29.18 12.21 -10.22
C LEU F 50 29.95 12.33 -11.55
N GLU F 51 30.47 13.55 -11.83
CA GLU F 51 31.21 13.89 -13.07
C GLU F 51 32.72 13.78 -12.88
N ASP F 52 33.42 13.18 -13.86
CA ASP F 52 34.87 12.92 -13.89
C ASP F 52 35.78 14.04 -13.35
N GLY F 53 35.48 15.29 -13.74
CA GLY F 53 36.24 16.47 -13.34
C GLY F 53 36.22 16.82 -11.87
N ARG F 54 35.03 16.77 -11.24
CA ARG F 54 34.85 17.12 -9.82
C ARG F 54 35.53 16.16 -8.85
N THR F 55 35.73 16.60 -7.59
CA THR F 55 36.36 15.82 -6.53
C THR F 55 35.31 15.27 -5.57
N LEU F 56 35.74 14.45 -4.59
CA LEU F 56 34.87 13.83 -3.59
C LEU F 56 34.24 14.85 -2.66
N SER F 57 35.06 15.82 -2.19
CA SER F 57 34.68 16.92 -1.27
C SER F 57 33.65 17.84 -1.91
N ASP F 58 33.70 18.01 -3.26
CA ASP F 58 32.74 18.80 -4.04
C ASP F 58 31.32 18.27 -3.81
N TYR F 59 31.18 16.93 -3.63
CA TYR F 59 29.92 16.23 -3.41
C TYR F 59 29.60 15.90 -1.94
N ASN F 60 30.43 16.39 -1.00
CA ASN F 60 30.29 16.18 0.46
C ASN F 60 30.34 14.69 0.88
N ILE F 61 31.22 13.92 0.21
CA ILE F 61 31.44 12.51 0.49
C ILE F 61 32.42 12.42 1.68
N GLN F 62 31.87 12.00 2.84
CA GLN F 62 32.56 11.85 4.13
C GLN F 62 33.08 10.41 4.28
N LYS F 63 33.71 10.10 5.44
CA LYS F 63 34.20 8.76 5.74
C LYS F 63 33.01 7.80 5.98
N GLU F 64 33.10 6.59 5.40
CA GLU F 64 32.10 5.52 5.45
C GLU F 64 30.84 5.74 4.58
N SER F 65 30.91 6.71 3.64
CA SER F 65 29.82 7.04 2.71
C SER F 65 29.62 5.96 1.66
N THR F 66 28.33 5.65 1.34
CA THR F 66 27.99 4.65 0.32
C THR F 66 27.73 5.33 -1.04
N LEU F 67 28.34 4.78 -2.09
CA LEU F 67 28.23 5.20 -3.49
C LEU F 67 27.64 4.05 -4.28
N HIS F 68 26.91 4.33 -5.35
CA HIS F 68 26.33 3.27 -6.18
C HIS F 68 26.99 3.24 -7.52
N LEU F 69 27.43 2.04 -7.93
CA LEU F 69 28.07 1.85 -9.23
C LEU F 69 27.06 1.27 -10.21
N VAL F 70 26.92 1.94 -11.35
CA VAL F 70 26.02 1.59 -12.42
C VAL F 70 26.88 1.30 -13.63
N LEU F 71 26.75 0.01 -14.03
CA LEU F 71 27.50 -0.70 -15.06
C LEU F 71 26.76 -0.99 -16.35
N ARG F 72 27.42 -0.61 -17.46
CA ARG F 72 26.97 -0.77 -18.85
C ARG F 72 27.31 -2.18 -19.34
N LEU F 73 26.36 -2.82 -20.04
CA LEU F 73 26.47 -4.19 -20.57
C LEU F 73 26.47 -4.18 -22.10
N MET G 1 -50.32 4.85 -11.40
CA MET G 1 -49.14 4.13 -10.90
C MET G 1 -48.63 4.67 -9.56
N GLN G 2 -47.80 3.88 -8.87
CA GLN G 2 -47.24 4.26 -7.58
C GLN G 2 -45.71 4.51 -7.62
N ILE G 3 -45.27 5.58 -6.95
CA ILE G 3 -43.87 6.00 -6.82
C ILE G 3 -43.53 6.18 -5.35
N PHE G 4 -42.23 6.15 -5.01
CA PHE G 4 -41.76 6.29 -3.62
C PHE G 4 -40.87 7.54 -3.46
N VAL G 5 -41.15 8.33 -2.43
CA VAL G 5 -40.42 9.57 -2.14
C VAL G 5 -39.68 9.46 -0.79
N LYS G 6 -38.35 9.30 -0.85
CA LYS G 6 -37.50 9.21 0.34
C LYS G 6 -37.12 10.60 0.85
N THR G 7 -37.17 10.77 2.19
CA THR G 7 -36.83 12.04 2.84
C THR G 7 -35.55 11.92 3.67
N LEU G 8 -35.10 13.06 4.24
CA LEU G 8 -33.91 13.16 5.10
C LEU G 8 -34.10 12.39 6.42
N THR G 9 -35.37 12.16 6.84
CA THR G 9 -35.74 11.41 8.05
C THR G 9 -35.73 9.87 7.84
N GLY G 10 -35.61 9.43 6.58
CA GLY G 10 -35.62 8.02 6.22
C GLY G 10 -37.00 7.47 5.90
N LYS G 11 -38.05 8.32 6.10
CA LYS G 11 -39.44 8.01 5.82
C LYS G 11 -39.63 7.87 4.30
N THR G 12 -40.44 6.88 3.90
CA THR G 12 -40.77 6.65 2.50
C THR G 12 -42.25 6.94 2.25
N ILE G 13 -42.55 8.09 1.62
CA ILE G 13 -43.90 8.54 1.27
C ILE G 13 -44.28 7.85 -0.04
N THR G 14 -45.42 7.14 -0.05
CA THR G 14 -45.90 6.48 -1.26
C THR G 14 -47.03 7.31 -1.86
N LEU G 15 -46.91 7.65 -3.16
CA LEU G 15 -47.87 8.48 -3.89
C LEU G 15 -48.48 7.74 -5.09
N GLU G 16 -49.75 8.07 -5.43
CA GLU G 16 -50.44 7.55 -6.60
C GLU G 16 -50.46 8.66 -7.65
N VAL G 17 -49.77 8.41 -8.77
CA VAL G 17 -49.56 9.38 -9.85
C VAL G 17 -49.74 8.76 -11.24
N GLU G 18 -49.59 9.60 -12.27
CA GLU G 18 -49.62 9.20 -13.67
C GLU G 18 -48.56 9.98 -14.46
N PRO G 19 -47.86 9.35 -15.45
CA PRO G 19 -46.82 10.07 -16.23
C PRO G 19 -47.14 11.48 -16.75
N SER G 20 -48.43 11.80 -16.91
CA SER G 20 -48.94 13.10 -17.37
C SER G 20 -48.79 14.21 -16.31
N ASP G 21 -48.70 13.83 -15.01
CA ASP G 21 -48.58 14.75 -13.89
C ASP G 21 -47.29 15.55 -13.91
N THR G 22 -47.40 16.87 -13.65
CA THR G 22 -46.25 17.79 -13.60
C THR G 22 -45.55 17.70 -12.21
N ILE G 23 -44.38 18.33 -12.08
CA ILE G 23 -43.61 18.38 -10.84
C ILE G 23 -44.36 19.22 -9.79
N GLU G 24 -45.06 20.28 -10.24
CA GLU G 24 -45.91 21.17 -9.43
C GLU G 24 -47.03 20.35 -8.76
N ASN G 25 -47.63 19.38 -9.51
CA ASN G 25 -48.71 18.49 -9.08
C ASN G 25 -48.25 17.53 -7.99
N VAL G 26 -47.07 16.90 -8.20
CA VAL G 26 -46.46 15.93 -7.28
C VAL G 26 -46.13 16.61 -5.94
N LYS G 27 -45.61 17.86 -6.00
CA LYS G 27 -45.29 18.71 -4.84
C LYS G 27 -46.55 19.02 -4.05
N ALA G 28 -47.68 19.28 -4.78
CA ALA G 28 -49.00 19.55 -4.20
C ALA G 28 -49.55 18.30 -3.52
N LYS G 29 -49.30 17.10 -4.12
CA LYS G 29 -49.71 15.81 -3.54
C LYS G 29 -48.95 15.56 -2.24
N ILE G 30 -47.65 15.90 -2.21
CA ILE G 30 -46.79 15.78 -1.02
C ILE G 30 -47.30 16.71 0.09
N GLN G 31 -47.79 17.92 -0.26
CA GLN G 31 -48.38 18.89 0.68
C GLN G 31 -49.65 18.30 1.31
N ASP G 32 -50.44 17.53 0.52
CA ASP G 32 -51.68 16.91 1.00
C ASP G 32 -51.39 15.79 2.02
N LYS G 33 -50.47 14.88 1.69
CA LYS G 33 -50.09 13.74 2.55
C LYS G 33 -49.19 14.09 3.72
N GLU G 34 -48.32 15.12 3.59
CA GLU G 34 -47.33 15.45 4.61
C GLU G 34 -47.35 16.86 5.19
N GLY G 35 -48.03 17.79 4.54
CA GLY G 35 -48.14 19.17 5.00
C GLY G 35 -47.02 20.09 4.54
N ILE G 36 -45.98 19.51 3.87
CA ILE G 36 -44.79 20.21 3.37
C ILE G 36 -45.13 21.23 2.24
N PRO G 37 -44.89 22.55 2.46
CA PRO G 37 -45.20 23.54 1.40
C PRO G 37 -44.39 23.27 0.13
N PRO G 38 -45.01 23.36 -1.07
CA PRO G 38 -44.29 23.06 -2.32
C PRO G 38 -43.16 24.02 -2.69
N ASP G 39 -43.20 25.25 -2.16
CA ASP G 39 -42.19 26.30 -2.40
C ASP G 39 -40.90 26.06 -1.59
N GLN G 40 -40.89 24.99 -0.78
CA GLN G 40 -39.77 24.55 0.05
C GLN G 40 -39.24 23.20 -0.40
N GLN G 41 -40.02 22.50 -1.22
CA GLN G 41 -39.68 21.18 -1.72
C GLN G 41 -38.72 21.24 -2.90
N ARG G 42 -37.77 20.28 -2.93
CA ARG G 42 -36.86 20.04 -4.05
C ARG G 42 -36.85 18.55 -4.30
N LEU G 43 -37.23 18.14 -5.52
CA LEU G 43 -37.31 16.74 -5.89
C LEU G 43 -36.20 16.33 -6.83
N ILE G 44 -35.64 15.12 -6.62
CA ILE G 44 -34.51 14.58 -7.37
C ILE G 44 -34.84 13.20 -7.87
N PHE G 45 -34.44 12.93 -9.11
CA PHE G 45 -34.54 11.60 -9.69
C PHE G 45 -33.20 11.25 -10.34
N ALA G 46 -32.49 10.25 -9.77
CA ALA G 46 -31.18 9.76 -10.20
C ALA G 46 -30.15 10.94 -10.40
N GLY G 47 -30.09 11.80 -9.39
CA GLY G 47 -29.20 12.95 -9.36
C GLY G 47 -29.75 14.25 -9.91
N LYS G 48 -30.75 14.16 -10.81
CA LYS G 48 -31.35 15.32 -11.45
C LYS G 48 -32.50 15.96 -10.69
N GLN G 49 -32.34 17.27 -10.35
CA GLN G 49 -33.37 18.08 -9.70
C GLN G 49 -34.50 18.31 -10.74
N LEU G 50 -35.76 18.12 -10.33
CA LEU G 50 -36.90 18.26 -11.24
C LEU G 50 -37.53 19.65 -11.16
N GLU G 51 -37.88 20.22 -12.35
CA GLU G 51 -38.48 21.57 -12.50
C GLU G 51 -39.99 21.50 -12.62
N ASP G 52 -40.68 22.43 -11.92
CA ASP G 52 -42.14 22.58 -11.83
C ASP G 52 -42.93 22.37 -13.13
N GLY G 53 -42.46 22.98 -14.21
CA GLY G 53 -43.07 22.91 -15.53
C GLY G 53 -43.13 21.53 -16.19
N ARG G 54 -42.02 20.78 -16.14
CA ARG G 54 -41.92 19.45 -16.76
C ARG G 54 -42.81 18.38 -16.10
N THR G 55 -43.05 17.27 -16.82
CA THR G 55 -43.88 16.16 -16.36
C THR G 55 -43.00 15.00 -15.89
N LEU G 56 -43.62 13.94 -15.35
CA LEU G 56 -42.94 12.75 -14.85
C LEU G 56 -42.27 11.98 -15.98
N SER G 57 -42.99 11.81 -17.12
CA SER G 57 -42.56 11.10 -18.33
C SER G 57 -41.36 11.79 -18.98
N ASP G 58 -41.26 13.14 -18.85
CA ASP G 58 -40.13 13.94 -19.35
C ASP G 58 -38.82 13.46 -18.72
N TYR G 59 -38.88 12.99 -17.46
CA TYR G 59 -37.74 12.49 -16.69
C TYR G 59 -37.62 10.96 -16.64
N ASN G 60 -38.48 10.23 -17.41
CA ASN G 60 -38.52 8.76 -17.50
C ASN G 60 -38.80 8.04 -16.18
N ILE G 61 -39.69 8.65 -15.37
CA ILE G 61 -40.12 8.10 -14.08
C ILE G 61 -41.22 7.06 -14.34
N GLN G 62 -40.84 5.77 -14.14
CA GLN G 62 -41.67 4.58 -14.34
C GLN G 62 -42.37 4.19 -13.03
N LYS G 63 -43.12 3.06 -13.04
CA LYS G 63 -43.80 2.52 -11.85
C LYS G 63 -42.78 2.01 -10.84
N GLU G 64 -42.99 2.30 -9.56
CA GLU G 64 -42.13 1.93 -8.42
C GLU G 64 -40.77 2.67 -8.32
N SER G 65 -40.62 3.79 -9.08
CA SER G 65 -39.41 4.63 -9.10
C SER G 65 -39.24 5.40 -7.80
N THR G 66 -37.98 5.48 -7.30
CA THR G 66 -37.66 6.23 -6.09
C THR G 66 -37.17 7.65 -6.43
N LEU G 67 -37.76 8.65 -5.74
CA LEU G 67 -37.45 10.07 -5.84
C LEU G 67 -36.96 10.52 -4.47
N HIS G 68 -36.09 11.54 -4.43
CA HIS G 68 -35.58 12.06 -3.18
C HIS G 68 -36.12 13.44 -2.91
N LEU G 69 -36.66 13.64 -1.70
CA LEU G 69 -37.19 14.95 -1.30
C LEU G 69 -36.18 15.66 -0.42
N VAL G 70 -35.87 16.89 -0.79
CA VAL G 70 -34.92 17.75 -0.08
C VAL G 70 -35.64 19.04 0.29
N LEU G 71 -35.45 19.58 1.50
CA LEU G 71 -36.06 20.87 1.78
C LEU G 71 -35.09 22.02 1.50
N ARG G 72 -35.33 23.19 2.07
CA ARG G 72 -34.45 24.35 1.87
C ARG G 72 -33.70 24.71 3.15
N LEU G 73 -34.37 24.54 4.35
CA LEU G 73 -33.89 24.73 5.74
C LEU G 73 -33.95 26.16 6.29
#